data_3I1L
#
_entry.id   3I1L
#
_cell.length_a   156.030
_cell.length_b   103.690
_cell.length_c   97.070
_cell.angle_alpha   90.00
_cell.angle_beta   96.02
_cell.angle_gamma   90.00
#
_symmetry.space_group_name_H-M   'C 1 2 1'
#
loop_
_entity.id
_entity.type
_entity.pdbx_description
1 polymer 'Hemagglutinin-esterase protein'
2 non-polymer 'methyl 4,9-di-O-acetyl-5-acetamido-3,5-dideoxy-D-glycero-alpha-D-galacto-non-2-ulopyranosidonic acid'
3 non-polymer 'ACETIC ACID'
4 non-polymer 2-acetamido-2-deoxy-beta-D-glucopyranose
5 water water
#
_entity_poly.entity_id   1
_entity_poly.type   'polypeptide(L)'
_entity_poly.pdbx_seq_one_letter_code
;SKPITPHYGPGHITPDWCGFGDARSDCGNKHTPKSLDIPQELCPKFSSRTGSSMFISMHWNNGSGFDAFDYSNCGVEKVF
YEGVNFSPHRNYTCYQEGSSGWVSNKVGFYSKLYSMASTSRCIKLINLDPPTNFTNYRNGTCVGNGGTAKMPDNPQLVIF
DAVTKLSTQFVLPNSSDGVSCTKHLVPFCYIDGGCFEMSGVCHPFGYYYESPSFYHGFYTNGTAGLHSYICDYLEMKPGV
YNATTFGKFLIYPTKSYCMDTMNYTVPVQAVQSIWSENRQSDDAIGQACKSPYCIFYNKTKPYLAPNGADENHGDEEVRQ
MMQGLLVNSSCVSPQGSTPLALYSSEMIYIPNYGSCPQYYKLFETSSDENSDPLVPR
;
_entity_poly.pdbx_strand_id   A,B,C
#
# COMPACT_ATOMS: atom_id res chain seq x y z
N LYS A 2 42.89 -34.39 -36.64
CA LYS A 2 42.90 -32.93 -36.33
C LYS A 2 42.10 -32.62 -35.05
N PRO A 3 42.73 -31.94 -34.07
CA PRO A 3 42.14 -31.78 -32.73
C PRO A 3 40.95 -30.80 -32.70
N ILE A 4 39.86 -31.20 -32.06
CA ILE A 4 38.66 -30.36 -31.99
C ILE A 4 38.66 -29.47 -30.75
N THR A 5 38.19 -28.25 -30.92
CA THR A 5 38.01 -27.32 -29.82
C THR A 5 36.62 -27.56 -29.22
N PRO A 6 36.54 -27.76 -27.89
CA PRO A 6 35.25 -27.89 -27.23
C PRO A 6 34.47 -26.58 -27.28
N HIS A 7 33.17 -26.69 -27.52
CA HIS A 7 32.29 -25.53 -27.57
C HIS A 7 31.80 -25.21 -26.17
N TYR A 8 32.25 -24.07 -25.63
CA TYR A 8 31.94 -23.67 -24.27
C TYR A 8 30.44 -23.46 -24.02
N GLY A 9 29.88 -24.28 -23.15
CA GLY A 9 28.46 -24.26 -22.87
C GLY A 9 27.87 -25.67 -22.73
N PRO A 10 26.54 -25.76 -22.49
CA PRO A 10 25.94 -27.07 -22.23
C PRO A 10 25.83 -27.91 -23.50
N GLY A 11 25.81 -29.22 -23.32
CA GLY A 11 25.64 -30.16 -24.44
C GLY A 11 24.77 -31.33 -24.06
N HIS A 12 24.49 -32.19 -25.02
CA HIS A 12 23.83 -33.46 -24.73
C HIS A 12 24.35 -34.55 -25.67
N ILE A 13 24.49 -35.75 -25.13
CA ILE A 13 24.96 -36.90 -25.89
C ILE A 13 23.82 -37.77 -26.45
N THR A 14 22.64 -37.70 -25.84
CA THR A 14 21.47 -38.50 -26.27
C THR A 14 20.18 -37.67 -26.28
N PRO A 15 19.21 -38.03 -27.15
CA PRO A 15 17.93 -37.31 -27.26
C PRO A 15 17.24 -37.07 -25.92
N ASP A 16 17.64 -37.84 -24.91
CA ASP A 16 16.96 -37.86 -23.62
C ASP A 16 17.56 -36.86 -22.64
N TRP A 17 17.42 -35.57 -22.98
CA TRP A 17 17.84 -34.49 -22.09
C TRP A 17 16.70 -33.52 -21.89
N CYS A 18 16.76 -32.76 -20.81
CA CYS A 18 15.79 -31.69 -20.56
C CYS A 18 16.45 -30.48 -19.93
N GLY A 19 15.76 -29.35 -19.99
CA GLY A 19 16.23 -28.12 -19.38
C GLY A 19 15.22 -27.63 -18.35
N PHE A 20 15.67 -26.72 -17.50
CA PHE A 20 14.81 -26.05 -16.53
C PHE A 20 15.17 -24.58 -16.60
N GLY A 21 14.17 -23.71 -16.71
CA GLY A 21 14.45 -22.28 -16.82
C GLY A 21 13.35 -21.29 -16.57
N ASP A 22 13.55 -20.08 -17.09
CA ASP A 22 12.70 -18.91 -16.86
C ASP A 22 12.30 -18.26 -18.19
N ALA A 23 12.09 -16.95 -18.19
CA ALA A 23 11.65 -16.23 -19.40
C ALA A 23 12.60 -16.43 -20.59
N ARG A 24 13.89 -16.62 -20.28
CA ARG A 24 14.94 -16.73 -21.29
C ARG A 24 14.92 -18.11 -21.95
N SER A 25 13.96 -18.94 -21.54
CA SER A 25 13.72 -20.25 -22.14
C SER A 25 12.21 -20.55 -22.23
N ASP A 26 11.40 -19.49 -22.26
CA ASP A 26 9.95 -19.61 -22.30
C ASP A 26 9.38 -19.06 -23.62
N CYS A 27 8.99 -19.98 -24.51
CA CYS A 27 8.40 -19.64 -25.80
C CYS A 27 6.93 -19.23 -25.67
N GLY A 28 6.46 -19.12 -24.43
CA GLY A 28 5.10 -18.66 -24.15
C GLY A 28 5.07 -17.18 -23.82
N ASN A 29 6.22 -16.66 -23.38
CA ASN A 29 6.43 -15.22 -23.19
C ASN A 29 6.18 -14.48 -24.49
N LYS A 30 5.50 -13.34 -24.41
CA LYS A 30 5.07 -12.62 -25.60
C LYS A 30 6.21 -12.03 -26.44
N HIS A 31 7.38 -11.89 -25.86
CA HIS A 31 8.54 -11.31 -26.54
C HIS A 31 9.35 -12.30 -27.38
N THR A 32 8.89 -13.54 -27.44
CA THR A 32 9.54 -14.62 -28.19
C THR A 32 9.59 -14.31 -29.71
N PRO A 33 10.74 -14.56 -30.37
CA PRO A 33 11.98 -15.16 -29.89
C PRO A 33 13.05 -14.16 -29.42
N LYS A 34 12.68 -12.90 -29.26
CA LYS A 34 13.64 -11.86 -28.89
C LYS A 34 14.16 -11.99 -27.46
N SER A 35 13.31 -12.48 -26.56
CA SER A 35 13.66 -12.62 -25.13
C SER A 35 14.36 -13.94 -24.78
N LEU A 36 14.56 -14.80 -25.78
CA LEU A 36 15.21 -16.09 -25.56
C LEU A 36 16.72 -15.96 -25.42
N ASP A 37 17.31 -16.85 -24.63
CA ASP A 37 18.76 -17.05 -24.57
C ASP A 37 19.13 -18.41 -25.15
N ILE A 38 18.13 -19.14 -25.62
CA ILE A 38 18.30 -20.46 -26.22
C ILE A 38 17.78 -20.46 -27.66
N PRO A 39 18.14 -21.50 -28.45
CA PRO A 39 17.47 -21.70 -29.73
C PRO A 39 15.98 -21.99 -29.54
N GLN A 40 15.17 -21.40 -30.42
CA GLN A 40 13.70 -21.47 -30.34
C GLN A 40 13.15 -22.90 -30.46
N GLU A 41 13.75 -23.72 -31.32
CA GLU A 41 13.32 -25.10 -31.50
C GLU A 41 13.68 -25.98 -30.29
N LEU A 42 14.31 -25.39 -29.28
CA LEU A 42 14.68 -26.13 -28.06
C LEU A 42 13.75 -25.83 -26.90
N CYS A 43 12.93 -24.80 -27.04
CA CYS A 43 11.87 -24.49 -26.07
C CYS A 43 11.10 -25.72 -25.60
N PRO A 44 10.70 -26.61 -26.54
CA PRO A 44 9.94 -27.80 -26.13
C PRO A 44 10.72 -28.75 -25.21
N LYS A 45 12.04 -28.58 -25.13
CA LYS A 45 12.87 -29.40 -24.23
C LYS A 45 12.94 -28.81 -22.82
N PHE A 46 12.70 -27.51 -22.71
CA PHE A 46 12.73 -26.81 -21.43
C PHE A 46 11.38 -26.78 -20.71
N SER A 47 11.42 -26.75 -19.39
CA SER A 47 10.25 -26.49 -18.57
C SER A 47 10.46 -25.12 -17.90
N SER A 48 9.81 -24.09 -18.41
CA SER A 48 10.13 -22.73 -18.01
C SER A 48 8.93 -21.80 -17.91
N ARG A 49 8.96 -20.90 -16.93
CA ARG A 49 7.97 -19.83 -16.86
C ARG A 49 8.64 -18.50 -16.54
N THR A 50 8.27 -17.48 -17.30
CA THR A 50 8.69 -16.10 -17.09
C THR A 50 8.49 -15.61 -15.65
N GLY A 51 9.55 -15.12 -15.03
CA GLY A 51 9.45 -14.55 -13.69
C GLY A 51 9.63 -15.57 -12.58
N SER A 52 9.62 -16.85 -12.94
CA SER A 52 9.77 -17.90 -11.96
C SER A 52 11.21 -18.42 -11.84
N SER A 53 11.40 -19.31 -10.88
CA SER A 53 12.64 -20.04 -10.68
C SER A 53 12.31 -21.27 -9.84
N MET A 54 13.13 -22.29 -9.92
CA MET A 54 12.89 -23.50 -9.13
C MET A 54 12.97 -23.23 -7.64
N PHE A 55 13.73 -22.20 -7.24
CA PHE A 55 13.84 -21.75 -5.84
C PHE A 55 12.55 -21.07 -5.34
N ILE A 56 11.99 -20.16 -6.15
CA ILE A 56 10.73 -19.51 -5.81
C ILE A 56 9.66 -20.58 -5.67
N SER A 57 9.54 -21.42 -6.69
CA SER A 57 8.47 -22.41 -6.78
C SER A 57 8.47 -23.43 -5.63
N MET A 58 9.68 -23.67 -5.08
CA MET A 58 9.84 -24.46 -3.88
C MET A 58 9.10 -23.83 -2.68
N HIS A 59 9.17 -22.51 -2.56
CA HIS A 59 8.70 -21.79 -1.36
C HIS A 59 7.34 -21.07 -1.46
N TRP A 60 6.99 -20.57 -2.65
CA TRP A 60 5.81 -19.70 -2.79
C TRP A 60 4.77 -20.16 -3.82
N ASN A 61 3.53 -19.82 -3.56
CA ASN A 61 2.51 -19.83 -4.59
C ASN A 61 2.51 -18.48 -5.29
N ASN A 62 1.81 -18.38 -6.42
CA ASN A 62 1.51 -17.08 -7.04
C ASN A 62 1.02 -16.08 -5.99
N GLY A 63 1.51 -14.84 -6.09
CA GLY A 63 1.06 -13.78 -5.19
C GLY A 63 2.19 -13.02 -4.53
N SER A 64 1.84 -11.83 -4.05
CA SER A 64 2.76 -10.91 -3.37
C SER A 64 4.10 -10.72 -4.09
N GLY A 65 4.06 -10.73 -5.41
CA GLY A 65 5.24 -10.49 -6.23
C GLY A 65 5.99 -11.72 -6.69
N PHE A 66 5.68 -12.88 -6.12
CA PHE A 66 6.28 -14.14 -6.59
C PHE A 66 5.43 -14.77 -7.69
N ASP A 67 6.10 -15.15 -8.78
CA ASP A 67 5.49 -15.92 -9.85
C ASP A 67 5.95 -17.35 -9.72
N ALA A 68 5.04 -18.23 -9.29
CA ALA A 68 5.35 -19.63 -9.09
C ALA A 68 5.10 -20.45 -10.36
N PHE A 69 5.73 -21.63 -10.45
CA PHE A 69 5.58 -22.50 -11.61
C PHE A 69 5.76 -23.98 -11.26
N ASP A 70 4.84 -24.80 -11.76
CA ASP A 70 4.90 -26.24 -11.60
C ASP A 70 5.95 -26.88 -12.51
N TYR A 71 7.22 -26.56 -12.26
CA TYR A 71 8.36 -27.20 -12.91
C TYR A 71 8.25 -28.72 -12.90
N SER A 72 8.43 -29.30 -14.09
CA SER A 72 8.38 -30.73 -14.24
C SER A 72 9.12 -31.12 -15.50
N ASN A 73 10.13 -31.98 -15.36
CA ASN A 73 10.79 -32.53 -16.54
C ASN A 73 11.53 -33.85 -16.28
N CYS A 74 11.95 -34.48 -17.38
CA CYS A 74 12.65 -35.77 -17.31
C CYS A 74 13.78 -35.77 -18.31
N GLY A 75 14.94 -36.27 -17.86
CA GLY A 75 16.11 -36.39 -18.71
C GLY A 75 17.29 -36.96 -17.96
N VAL A 76 18.00 -37.88 -18.62
CA VAL A 76 19.25 -38.39 -18.08
C VAL A 76 20.22 -37.23 -17.93
N GLU A 77 20.22 -36.36 -18.94
CA GLU A 77 21.06 -35.15 -18.96
C GLU A 77 20.19 -33.91 -18.75
N LYS A 78 20.67 -33.00 -17.92
CA LYS A 78 19.85 -31.84 -17.53
C LYS A 78 20.62 -30.53 -17.65
N VAL A 79 19.92 -29.51 -18.14
CA VAL A 79 20.50 -28.18 -18.29
C VAL A 79 19.68 -27.18 -17.50
N PHE A 80 20.28 -26.67 -16.43
CA PHE A 80 19.61 -25.72 -15.55
C PHE A 80 20.03 -24.30 -15.93
N TYR A 81 19.06 -23.47 -16.24
CA TYR A 81 19.31 -22.06 -16.51
C TYR A 81 18.19 -21.18 -15.97
N GLU A 82 18.22 -20.95 -14.65
CA GLU A 82 17.31 -20.05 -13.96
C GLU A 82 17.85 -19.73 -12.58
N GLY A 83 17.23 -18.75 -11.92
CA GLY A 83 17.67 -18.34 -10.59
C GLY A 83 17.60 -16.83 -10.39
N VAL A 84 17.93 -16.08 -11.44
CA VAL A 84 17.97 -14.63 -11.35
C VAL A 84 16.71 -13.98 -10.78
N ASN A 85 15.56 -14.65 -10.90
CA ASN A 85 14.30 -14.06 -10.43
C ASN A 85 14.21 -14.05 -8.91
N PHE A 86 15.14 -14.75 -8.27
CA PHE A 86 15.45 -14.51 -6.86
C PHE A 86 16.90 -14.12 -6.66
N SER A 87 17.19 -12.83 -6.83
CA SER A 87 18.52 -12.28 -6.64
C SER A 87 18.42 -11.22 -5.54
N PRO A 88 19.56 -10.66 -5.11
CA PRO A 88 19.47 -9.55 -4.16
C PRO A 88 18.59 -8.40 -4.67
N HIS A 89 18.51 -8.26 -5.99
CA HIS A 89 17.64 -7.27 -6.61
C HIS A 89 16.23 -7.31 -6.06
N ARG A 90 15.76 -8.49 -5.70
CA ARG A 90 14.40 -8.66 -5.18
C ARG A 90 14.19 -7.86 -3.89
N ASN A 91 15.29 -7.49 -3.22
CA ASN A 91 15.25 -6.75 -1.94
C ASN A 91 14.33 -7.41 -0.90
N TYR A 92 14.29 -8.74 -0.88
CA TYR A 92 13.43 -9.49 0.03
C TYR A 92 14.17 -9.75 1.35
N THR A 93 13.39 -9.79 2.42
CA THR A 93 13.82 -10.36 3.70
C THR A 93 12.56 -10.63 4.54
N CYS A 94 12.61 -11.70 5.35
CA CYS A 94 11.48 -12.07 6.20
C CYS A 94 11.67 -11.59 7.64
N TYR A 95 12.83 -11.91 8.20
CA TYR A 95 13.28 -11.27 9.42
C TYR A 95 14.55 -10.45 9.14
N GLN A 96 15.55 -10.51 10.01
CA GLN A 96 16.74 -9.67 9.82
C GLN A 96 17.88 -10.38 9.09
N GLU A 97 17.56 -11.46 8.38
CA GLU A 97 18.57 -12.22 7.63
C GLU A 97 19.12 -11.42 6.45
N GLY A 98 18.28 -10.54 5.91
CA GLY A 98 18.63 -9.72 4.76
C GLY A 98 18.80 -10.48 3.47
N SER A 99 19.22 -9.75 2.43
CA SER A 99 19.41 -10.31 1.11
C SER A 99 20.44 -11.41 1.14
N SER A 100 21.54 -11.15 1.83
CA SER A 100 22.65 -12.09 1.88
C SER A 100 22.16 -13.37 2.53
N GLY A 101 21.29 -13.22 3.53
CA GLY A 101 20.59 -14.35 4.14
C GLY A 101 19.81 -15.17 3.12
N TRP A 102 19.21 -14.52 2.13
CA TRP A 102 18.47 -15.25 1.10
C TRP A 102 19.35 -15.80 -0.02
N VAL A 103 20.54 -15.23 -0.17
CA VAL A 103 21.56 -15.81 -1.04
C VAL A 103 22.04 -17.09 -0.37
N SER A 104 22.11 -17.10 0.97
CA SER A 104 22.47 -18.32 1.71
C SER A 104 21.45 -19.45 1.54
N ASN A 105 20.17 -19.11 1.68
CA ASN A 105 19.07 -20.02 1.41
C ASN A 105 19.12 -20.48 -0.04
N LYS A 106 19.38 -19.54 -0.95
CA LYS A 106 19.41 -19.83 -2.39
C LYS A 106 20.49 -20.85 -2.74
N VAL A 107 21.67 -20.72 -2.13
CA VAL A 107 22.76 -21.67 -2.39
C VAL A 107 22.38 -23.06 -1.89
N GLY A 108 21.81 -23.10 -0.69
CA GLY A 108 21.40 -24.35 -0.06
C GLY A 108 20.46 -25.16 -0.94
N PHE A 109 19.47 -24.45 -1.51
CA PHE A 109 18.50 -25.11 -2.36
C PHE A 109 19.18 -25.63 -3.61
N TYR A 110 19.74 -24.71 -4.40
CA TYR A 110 20.36 -25.09 -5.66
C TYR A 110 21.44 -26.15 -5.48
N SER A 111 22.15 -26.13 -4.35
CA SER A 111 23.14 -27.18 -4.05
C SER A 111 22.47 -28.56 -3.90
N LYS A 112 21.35 -28.60 -3.18
CA LYS A 112 20.64 -29.84 -2.97
C LYS A 112 19.99 -30.31 -4.27
N LEU A 113 19.26 -29.43 -4.95
CA LEU A 113 18.61 -29.77 -6.22
C LEU A 113 19.58 -30.37 -7.24
N TYR A 114 20.73 -29.72 -7.46
CA TYR A 114 21.69 -30.18 -8.45
C TYR A 114 22.20 -31.57 -8.12
N SER A 115 22.62 -31.80 -6.87
CA SER A 115 23.16 -33.12 -6.50
C SER A 115 22.11 -34.23 -6.53
N MET A 116 20.87 -33.92 -6.11
CA MET A 116 19.78 -34.90 -6.15
C MET A 116 19.44 -35.22 -7.60
N ALA A 117 19.41 -34.19 -8.44
CA ALA A 117 19.09 -34.31 -9.85
C ALA A 117 20.05 -35.25 -10.58
N SER A 118 21.30 -35.25 -10.15
CA SER A 118 22.35 -36.05 -10.78
C SER A 118 22.12 -37.55 -10.65
N THR A 119 21.27 -37.96 -9.70
CA THR A 119 20.95 -39.37 -9.47
C THR A 119 19.53 -39.67 -9.90
N SER A 120 18.84 -38.67 -10.45
CA SER A 120 17.44 -38.75 -10.87
C SER A 120 17.27 -38.65 -12.38
N ARG A 121 16.08 -39.00 -12.88
CA ARG A 121 15.71 -38.65 -14.26
C ARG A 121 14.59 -37.61 -14.33
N CYS A 122 13.53 -37.83 -13.58
CA CYS A 122 12.45 -36.86 -13.52
C CYS A 122 12.51 -35.98 -12.25
N ILE A 123 12.16 -34.71 -12.41
CA ILE A 123 12.02 -33.77 -11.31
C ILE A 123 10.67 -33.11 -11.48
N LYS A 124 9.82 -33.27 -10.46
CA LYS A 124 8.46 -32.77 -10.54
C LYS A 124 8.10 -32.05 -9.25
N LEU A 125 7.80 -30.76 -9.34
CA LEU A 125 7.24 -30.05 -8.21
C LEU A 125 5.82 -30.57 -8.03
N ILE A 126 5.47 -30.89 -6.78
CA ILE A 126 4.15 -31.45 -6.44
C ILE A 126 3.58 -30.81 -5.18
N ASN A 127 2.25 -30.79 -5.07
CA ASN A 127 1.58 -30.34 -3.86
C ASN A 127 1.30 -31.50 -2.91
N LEU A 128 1.68 -31.31 -1.65
CA LEU A 128 1.41 -32.31 -0.62
C LEU A 128 0.00 -32.16 -0.06
N ASP A 129 -0.61 -33.27 0.35
CA ASP A 129 -1.89 -33.20 1.06
C ASP A 129 -1.73 -32.46 2.39
N PRO A 130 -2.76 -31.68 2.78
CA PRO A 130 -2.68 -30.99 4.07
C PRO A 130 -2.53 -31.97 5.24
N PRO A 131 -1.85 -31.56 6.31
CA PRO A 131 -1.69 -32.39 7.50
C PRO A 131 -3.02 -32.57 8.25
N THR A 132 -3.06 -33.56 9.14
CA THR A 132 -4.24 -33.78 9.98
C THR A 132 -4.59 -32.49 10.72
N ASN A 133 -5.86 -32.12 10.64
CA ASN A 133 -6.34 -30.83 11.17
C ASN A 133 -5.87 -30.51 12.58
N PHE A 134 -5.54 -29.24 12.80
CA PHE A 134 -5.34 -28.70 14.16
C PHE A 134 -6.02 -27.33 14.27
N THR A 135 -6.13 -26.82 15.49
CA THR A 135 -6.94 -25.64 15.77
C THR A 135 -6.27 -24.64 16.72
N ASN A 136 -6.88 -23.45 16.85
CA ASN A 136 -6.39 -22.37 17.70
C ASN A 136 -4.99 -21.92 17.30
N TYR A 137 -4.81 -21.62 16.02
CA TYR A 137 -3.47 -21.35 15.49
C TYR A 137 -3.43 -20.13 14.57
N ARG A 138 -2.25 -19.55 14.45
CA ARG A 138 -1.98 -18.45 13.52
C ARG A 138 -0.95 -18.89 12.50
N ASN A 139 -1.13 -18.49 11.24
CA ASN A 139 -0.07 -18.61 10.26
C ASN A 139 1.06 -17.63 10.61
N GLY A 140 2.30 -18.05 10.40
CA GLY A 140 3.45 -17.17 10.57
C GLY A 140 3.45 -16.03 9.57
N THR A 141 4.11 -14.93 9.92
CA THR A 141 4.18 -13.73 9.09
C THR A 141 5.60 -13.13 9.15
N CYS A 142 5.98 -12.36 8.14
CA CYS A 142 7.28 -11.69 8.14
C CYS A 142 7.15 -10.29 8.74
N VAL A 143 8.19 -9.85 9.43
CA VAL A 143 8.32 -8.43 9.81
C VAL A 143 9.05 -7.65 8.74
N GLY A 144 9.87 -8.37 7.96
CA GLY A 144 10.68 -7.77 6.91
C GLY A 144 9.85 -6.92 5.95
N ASN A 145 10.45 -5.84 5.48
CA ASN A 145 9.77 -4.90 4.58
C ASN A 145 8.44 -4.42 5.14
N GLY A 146 8.46 -4.06 6.43
CA GLY A 146 7.29 -3.51 7.14
C GLY A 146 6.08 -4.42 7.24
N GLY A 147 6.33 -5.73 7.21
CA GLY A 147 5.26 -6.72 7.21
C GLY A 147 4.59 -6.95 5.86
N THR A 148 5.27 -6.60 4.77
CA THR A 148 4.73 -6.80 3.42
C THR A 148 5.38 -7.98 2.71
N ALA A 149 6.44 -8.52 3.32
CA ALA A 149 7.14 -9.69 2.79
C ALA A 149 6.36 -10.96 3.13
N LYS A 150 5.98 -11.70 2.10
CA LYS A 150 5.22 -12.96 2.30
C LYS A 150 6.18 -14.07 2.77
N MET A 151 5.95 -14.56 3.99
CA MET A 151 6.63 -15.77 4.46
C MET A 151 6.17 -16.89 3.56
N PRO A 152 7.10 -17.79 3.17
CA PRO A 152 6.82 -18.86 2.22
C PRO A 152 5.57 -19.67 2.55
N ASP A 153 4.93 -20.18 1.49
CA ASP A 153 3.83 -21.13 1.62
C ASP A 153 4.34 -22.55 1.91
N ASN A 154 5.63 -22.76 1.69
CA ASN A 154 6.29 -24.04 1.92
C ASN A 154 7.70 -23.76 2.43
N PRO A 155 8.03 -24.26 3.62
CA PRO A 155 7.15 -24.97 4.54
C PRO A 155 6.20 -23.97 5.21
N GLN A 156 5.02 -24.42 5.61
CA GLN A 156 4.08 -23.54 6.28
C GLN A 156 4.33 -23.45 7.79
N LEU A 157 4.54 -22.22 8.27
CA LEU A 157 4.68 -21.98 9.71
C LEU A 157 3.34 -21.73 10.37
N VAL A 158 3.19 -22.22 11.60
CA VAL A 158 2.02 -21.93 12.41
C VAL A 158 2.42 -21.63 13.86
N ILE A 159 1.56 -20.87 14.54
CA ILE A 159 1.76 -20.45 15.93
C ILE A 159 0.53 -20.75 16.75
N PHE A 160 0.69 -21.56 17.78
CA PHE A 160 -0.44 -21.95 18.63
C PHE A 160 -0.76 -20.89 19.68
N ASP A 161 -2.05 -20.56 19.81
CA ASP A 161 -2.53 -19.53 20.73
C ASP A 161 -1.94 -19.67 22.12
N ALA A 162 -1.80 -20.91 22.59
CA ALA A 162 -1.16 -21.20 23.87
C ALA A 162 -0.16 -22.34 23.71
N VAL A 163 0.78 -22.44 24.65
CA VAL A 163 1.78 -23.50 24.65
C VAL A 163 1.08 -24.85 24.55
N THR A 164 1.59 -25.73 23.69
CA THR A 164 0.89 -27.00 23.42
C THR A 164 1.77 -28.21 23.06
N LYS A 165 1.22 -29.39 23.37
CA LYS A 165 1.79 -30.67 22.96
C LYS A 165 1.08 -31.07 21.66
N LEU A 166 1.83 -31.24 20.59
CA LEU A 166 1.22 -31.57 19.31
C LEU A 166 2.17 -32.19 18.31
N SER A 167 1.66 -33.19 17.62
CA SER A 167 2.35 -33.85 16.54
C SER A 167 1.34 -34.02 15.43
N THR A 168 1.72 -33.66 14.21
CA THR A 168 0.79 -33.72 13.08
C THR A 168 1.36 -34.45 11.87
N GLN A 169 0.49 -35.13 11.13
CA GLN A 169 0.91 -36.10 10.13
C GLN A 169 0.86 -35.51 8.73
N PHE A 170 2.00 -35.54 8.03
CA PHE A 170 2.05 -35.17 6.61
C PHE A 170 2.55 -36.32 5.75
N VAL A 171 2.19 -36.29 4.47
CA VAL A 171 2.46 -37.43 3.58
C VAL A 171 3.30 -37.04 2.38
N LEU A 172 4.44 -37.70 2.21
CA LEU A 172 5.27 -37.53 1.01
C LEU A 172 5.04 -38.72 0.07
N PRO A 173 4.25 -38.52 -1.01
CA PRO A 173 3.73 -39.63 -1.78
C PRO A 173 4.80 -40.42 -2.55
N ASN A 174 4.45 -41.62 -3.00
CA ASN A 174 5.35 -42.51 -3.72
C ASN A 174 5.38 -42.22 -5.21
N SER A 175 4.36 -41.50 -5.67
CA SER A 175 4.20 -41.19 -7.08
C SER A 175 3.39 -39.92 -7.28
N SER A 176 3.60 -39.25 -8.40
CA SER A 176 2.67 -38.20 -8.80
C SER A 176 2.38 -38.25 -10.29
N ASP A 177 1.20 -38.79 -10.61
CA ASP A 177 0.69 -38.89 -11.98
C ASP A 177 1.76 -39.30 -13.00
N GLY A 178 2.14 -40.58 -12.96
CA GLY A 178 3.12 -41.12 -13.90
C GLY A 178 4.54 -41.28 -13.35
N VAL A 179 5.05 -40.23 -12.72
CA VAL A 179 6.41 -40.20 -12.15
C VAL A 179 6.48 -40.93 -10.81
N SER A 180 7.61 -41.59 -10.55
CA SER A 180 7.89 -42.22 -9.25
C SER A 180 8.68 -41.26 -8.36
N CYS A 181 8.20 -41.03 -7.14
CA CYS A 181 8.99 -40.25 -6.21
C CYS A 181 9.73 -41.20 -5.29
N THR A 182 10.88 -41.70 -5.77
CA THR A 182 11.75 -42.52 -4.92
C THR A 182 12.47 -41.68 -3.86
N LYS A 183 12.48 -40.36 -4.06
CA LYS A 183 12.94 -39.40 -3.03
C LYS A 183 12.33 -38.00 -3.23
N HIS A 184 12.32 -37.21 -2.17
CA HIS A 184 11.75 -35.85 -2.19
C HIS A 184 12.73 -34.80 -1.71
N LEU A 185 12.67 -33.62 -2.33
CA LEU A 185 13.41 -32.47 -1.82
C LEU A 185 12.44 -31.56 -1.08
N VAL A 186 12.60 -31.53 0.24
CA VAL A 186 11.67 -30.89 1.18
C VAL A 186 12.39 -29.79 1.99
N PRO A 187 11.79 -28.58 2.04
CA PRO A 187 12.40 -27.51 2.83
C PRO A 187 12.04 -27.61 4.31
N PHE A 188 13.04 -27.32 5.15
CA PHE A 188 12.86 -27.20 6.58
C PHE A 188 13.49 -25.87 6.96
N CYS A 189 12.63 -24.89 7.25
CA CYS A 189 13.07 -23.53 7.59
C CYS A 189 12.78 -23.18 9.04
N TYR A 190 13.60 -22.29 9.61
CA TYR A 190 13.45 -21.87 10.99
C TYR A 190 13.91 -20.43 11.13
N ILE A 191 13.58 -19.82 12.26
CA ILE A 191 14.06 -18.50 12.63
C ILE A 191 15.02 -18.64 13.81
N ASP A 192 16.28 -18.25 13.62
CA ASP A 192 17.27 -18.37 14.70
C ASP A 192 17.34 -17.12 15.60
N GLY A 193 18.40 -17.02 16.39
CA GLY A 193 18.65 -15.85 17.23
C GLY A 193 17.89 -15.79 18.54
N GLY A 194 17.91 -16.87 19.31
CA GLY A 194 17.29 -16.89 20.66
C GLY A 194 15.78 -16.82 20.67
N CYS A 195 15.21 -16.78 21.87
CA CYS A 195 13.76 -16.83 22.04
C CYS A 195 13.02 -15.77 21.21
N PHE A 196 11.81 -16.13 20.77
CA PHE A 196 11.02 -15.30 19.88
C PHE A 196 9.96 -14.52 20.66
N GLU A 197 9.99 -13.21 20.53
CA GLU A 197 9.14 -12.30 21.30
C GLU A 197 7.76 -12.21 20.68
N MET A 198 6.73 -12.63 21.42
CA MET A 198 5.34 -12.47 21.00
C MET A 198 4.48 -12.05 22.18
N SER A 199 3.79 -10.91 22.01
CA SER A 199 2.93 -10.28 23.02
C SER A 199 3.62 -10.19 24.37
N GLY A 200 4.87 -9.72 24.35
CA GLY A 200 5.63 -9.50 25.58
C GLY A 200 6.16 -10.76 26.26
N VAL A 201 6.01 -11.92 25.63
CA VAL A 201 6.56 -13.18 26.13
C VAL A 201 7.60 -13.68 25.15
N CYS A 202 8.74 -14.16 25.68
CA CYS A 202 9.80 -14.69 24.82
C CYS A 202 9.80 -16.22 24.78
N HIS A 203 9.20 -16.77 23.73
CA HIS A 203 9.00 -18.21 23.62
C HIS A 203 10.19 -18.89 22.99
N PRO A 204 10.52 -20.11 23.46
CA PRO A 204 11.53 -20.90 22.79
C PRO A 204 11.05 -21.23 21.39
N PHE A 205 11.92 -21.02 20.39
CA PHE A 205 11.56 -21.27 19.00
C PHE A 205 12.16 -22.58 18.56
N GLY A 206 11.31 -23.47 18.04
CA GLY A 206 11.77 -24.73 17.49
C GLY A 206 10.69 -25.77 17.29
N TYR A 207 11.02 -26.77 16.49
CA TYR A 207 10.11 -27.82 16.09
C TYR A 207 10.93 -28.85 15.30
N TYR A 208 10.31 -29.94 14.87
CA TYR A 208 11.05 -30.97 14.13
C TYR A 208 10.20 -31.84 13.20
N TYR A 209 10.87 -32.40 12.20
CA TYR A 209 10.30 -33.44 11.37
C TYR A 209 10.77 -34.73 11.97
N GLU A 210 9.85 -35.67 12.18
CA GLU A 210 10.21 -36.97 12.72
C GLU A 210 9.41 -38.11 12.09
N SER A 211 10.05 -39.28 12.04
CA SER A 211 9.42 -40.56 11.75
C SER A 211 10.30 -41.64 12.37
N PRO A 212 9.86 -42.91 12.33
CA PRO A 212 10.72 -43.98 12.86
C PRO A 212 12.11 -44.08 12.22
N SER A 213 12.26 -43.68 10.96
CA SER A 213 13.56 -43.74 10.30
C SER A 213 14.12 -42.37 9.86
N PHE A 214 13.80 -41.33 10.63
CA PHE A 214 14.15 -39.97 10.24
C PHE A 214 14.01 -38.97 11.38
N TYR A 215 14.89 -37.96 11.38
CA TYR A 215 14.79 -36.80 12.28
C TYR A 215 15.53 -35.60 11.70
N HIS A 216 14.86 -34.45 11.63
CA HIS A 216 15.51 -33.15 11.38
C HIS A 216 14.84 -32.04 12.21
N GLY A 217 15.62 -31.37 13.06
CA GLY A 217 15.05 -30.38 13.95
C GLY A 217 15.85 -29.11 14.16
N PHE A 218 15.20 -28.12 14.77
CA PHE A 218 15.86 -26.91 15.23
C PHE A 218 15.26 -26.47 16.55
N TYR A 219 16.12 -25.93 17.42
CA TYR A 219 15.66 -25.38 18.69
C TYR A 219 16.55 -24.22 19.14
N THR A 220 15.93 -23.23 19.78
CA THR A 220 16.69 -22.21 20.51
C THR A 220 15.84 -21.51 21.55
N ASN A 221 16.48 -21.26 22.69
CA ASN A 221 15.89 -20.50 23.79
C ASN A 221 16.97 -19.66 24.49
N GLY A 222 17.82 -19.03 23.69
CA GLY A 222 18.85 -18.14 24.21
C GLY A 222 18.33 -16.71 24.31
N THR A 223 19.24 -15.79 24.63
CA THR A 223 18.94 -14.36 24.65
C THR A 223 18.62 -13.93 23.23
N ALA A 224 17.50 -13.21 23.09
CA ALA A 224 17.05 -12.78 21.78
C ALA A 224 18.08 -11.86 21.16
N GLY A 225 18.32 -12.03 19.88
CA GLY A 225 19.22 -11.17 19.13
C GLY A 225 18.65 -11.03 17.73
N LEU A 226 19.54 -10.87 16.75
CA LEU A 226 19.13 -10.73 15.37
C LEU A 226 18.52 -12.08 14.86
N HIS A 227 17.25 -12.03 14.48
CA HIS A 227 16.53 -13.22 13.97
C HIS A 227 16.75 -13.37 12.47
N SER A 228 17.02 -14.61 12.05
CA SER A 228 17.19 -14.96 10.64
C SER A 228 16.34 -16.15 10.23
N TYR A 229 15.61 -16.00 9.13
CA TYR A 229 14.86 -17.09 8.53
C TYR A 229 15.77 -17.93 7.67
N ILE A 230 16.18 -19.07 8.22
CA ILE A 230 17.13 -19.96 7.56
C ILE A 230 16.44 -21.23 7.07
N CYS A 231 16.83 -21.69 5.87
CA CYS A 231 16.28 -22.94 5.34
C CYS A 231 17.33 -24.06 5.21
N ASP A 232 16.94 -25.27 5.60
CA ASP A 232 17.68 -26.50 5.30
C ASP A 232 16.90 -27.23 4.20
N TYR A 233 17.60 -27.86 3.27
CA TYR A 233 16.94 -28.60 2.20
C TYR A 233 17.22 -30.10 2.29
N LEU A 234 16.14 -30.89 2.39
CA LEU A 234 16.27 -32.29 2.82
C LEU A 234 15.90 -33.32 1.77
N GLU A 235 16.67 -34.42 1.73
CA GLU A 235 16.28 -35.60 0.96
C GLU A 235 15.54 -36.52 1.89
N MET A 236 14.25 -36.69 1.61
CA MET A 236 13.40 -37.50 2.45
C MET A 236 12.74 -38.54 1.57
N LYS A 237 12.65 -39.77 2.08
CA LYS A 237 12.01 -40.86 1.34
C LYS A 237 10.49 -40.77 1.49
N PRO A 238 9.74 -41.27 0.48
CA PRO A 238 8.29 -41.25 0.57
C PRO A 238 7.83 -42.00 1.81
N GLY A 239 6.70 -41.58 2.38
CA GLY A 239 6.20 -42.18 3.59
C GLY A 239 5.49 -41.19 4.48
N VAL A 240 5.15 -41.68 5.67
CA VAL A 240 4.39 -40.94 6.65
C VAL A 240 5.35 -40.29 7.66
N TYR A 241 5.23 -38.98 7.84
CA TYR A 241 6.05 -38.24 8.82
C TYR A 241 5.20 -37.46 9.80
N ASN A 242 5.78 -37.19 10.96
CA ASN A 242 5.18 -36.24 11.88
C ASN A 242 5.99 -34.92 11.96
N ALA A 243 5.25 -33.82 12.16
CA ALA A 243 5.80 -32.51 12.49
C ALA A 243 5.40 -32.26 13.94
N THR A 244 6.40 -32.05 14.80
CA THR A 244 6.18 -31.91 16.24
C THR A 244 6.64 -30.54 16.74
N THR A 245 5.85 -29.95 17.63
CA THR A 245 6.20 -28.68 18.25
C THR A 245 6.88 -28.86 19.60
N PHE A 246 7.57 -27.82 20.05
CA PHE A 246 8.18 -27.77 21.37
C PHE A 246 7.27 -27.07 22.34
N GLY A 247 6.28 -26.38 21.79
CA GLY A 247 5.27 -25.68 22.58
C GLY A 247 4.46 -24.71 21.74
N LYS A 248 5.16 -23.81 21.06
CA LYS A 248 4.52 -22.63 20.50
C LYS A 248 4.51 -22.56 18.97
N PHE A 249 5.46 -23.21 18.31
CA PHE A 249 5.63 -23.11 16.85
C PHE A 249 5.65 -24.48 16.16
N LEU A 250 5.32 -24.46 14.86
CA LEU A 250 5.32 -25.67 14.02
C LEU A 250 5.32 -25.33 12.54
N ILE A 251 6.06 -26.12 11.74
CA ILE A 251 6.02 -26.06 10.27
C ILE A 251 5.70 -27.43 9.68
N TYR A 252 4.98 -27.42 8.56
CA TYR A 252 4.77 -28.61 7.76
C TYR A 252 5.06 -28.29 6.29
N PRO A 253 5.56 -29.26 5.52
CA PRO A 253 5.74 -28.98 4.10
C PRO A 253 4.42 -29.06 3.35
N THR A 254 4.24 -28.16 2.39
CA THR A 254 3.03 -28.14 1.55
C THR A 254 3.37 -28.52 0.11
N LYS A 255 4.68 -28.51 -0.18
CA LYS A 255 5.18 -28.88 -1.49
C LYS A 255 6.49 -29.66 -1.35
N SER A 256 6.83 -30.43 -2.37
CA SER A 256 8.15 -31.04 -2.47
C SER A 256 8.54 -31.14 -3.94
N TYR A 257 9.81 -31.39 -4.19
CA TYR A 257 10.23 -31.81 -5.52
C TYR A 257 10.32 -33.33 -5.53
N CYS A 258 9.33 -33.94 -6.17
CA CYS A 258 9.29 -35.37 -6.36
C CYS A 258 10.31 -35.77 -7.41
N MET A 259 11.19 -36.72 -7.08
CA MET A 259 12.21 -37.19 -8.01
C MET A 259 12.30 -38.71 -8.02
N ASP A 260 12.55 -39.30 -9.19
CA ASP A 260 12.81 -40.74 -9.27
C ASP A 260 14.32 -41.01 -9.20
N THR A 261 14.73 -42.26 -9.40
CA THR A 261 16.15 -42.63 -9.30
C THR A 261 16.63 -43.42 -10.52
N MET A 262 17.76 -42.99 -11.07
CA MET A 262 18.44 -43.76 -12.10
C MET A 262 19.77 -44.26 -11.54
N ASN A 263 20.18 -45.46 -11.95
CA ASN A 263 21.35 -46.12 -11.38
C ASN A 263 22.70 -45.50 -11.74
N TYR A 264 22.89 -45.14 -13.00
CA TYR A 264 24.07 -44.39 -13.42
C TYR A 264 23.89 -42.92 -13.06
N THR A 265 24.82 -42.39 -12.25
CA THR A 265 24.80 -40.98 -11.87
C THR A 265 25.44 -40.10 -12.94
N VAL A 266 24.76 -39.02 -13.31
CA VAL A 266 25.20 -38.14 -14.40
C VAL A 266 25.19 -36.67 -13.98
N PRO A 267 26.37 -36.03 -13.98
CA PRO A 267 26.48 -34.62 -13.57
C PRO A 267 25.49 -33.75 -14.33
N VAL A 268 24.79 -32.85 -13.62
CA VAL A 268 23.94 -31.87 -14.31
C VAL A 268 24.76 -30.67 -14.83
N GLN A 269 24.12 -29.84 -15.66
CA GLN A 269 24.77 -28.65 -16.19
C GLN A 269 23.95 -27.44 -15.80
N ALA A 270 24.65 -26.41 -15.28
CA ALA A 270 24.00 -25.15 -14.93
C ALA A 270 24.73 -23.98 -15.57
N VAL A 271 23.96 -23.11 -16.21
CA VAL A 271 24.47 -21.89 -16.80
C VAL A 271 24.15 -20.72 -15.85
N GLN A 272 25.08 -19.77 -15.78
CA GLN A 272 24.94 -18.58 -14.94
C GLN A 272 23.67 -17.79 -15.26
N SER A 273 22.88 -17.51 -14.23
CA SER A 273 21.64 -16.75 -14.36
C SER A 273 21.75 -15.44 -13.59
N ILE A 274 22.12 -14.38 -14.28
CA ILE A 274 22.29 -13.07 -13.64
C ILE A 274 21.52 -11.98 -14.38
N TRP A 275 21.53 -10.77 -13.82
CA TRP A 275 20.89 -9.63 -14.45
C TRP A 275 21.94 -8.78 -15.16
N SER A 276 21.49 -7.72 -15.82
CA SER A 276 22.37 -6.67 -16.30
C SER A 276 23.13 -6.10 -15.11
N GLU A 277 24.21 -5.37 -15.39
CA GLU A 277 25.07 -4.86 -14.33
C GLU A 277 24.40 -3.80 -13.45
N ASN A 278 23.34 -3.15 -13.96
CA ASN A 278 22.55 -2.19 -13.16
C ASN A 278 21.42 -2.84 -12.36
N ARG A 279 21.75 -3.96 -11.73
CA ARG A 279 20.87 -4.73 -10.87
C ARG A 279 21.76 -5.64 -10.04
N GLN A 280 21.39 -5.85 -8.77
CA GLN A 280 22.17 -6.67 -7.87
C GLN A 280 21.94 -8.13 -8.19
N SER A 281 22.96 -8.79 -8.75
CA SER A 281 22.95 -10.25 -8.89
C SER A 281 23.66 -10.94 -7.70
N ASP A 282 23.73 -12.28 -7.73
CA ASP A 282 24.50 -13.04 -6.77
C ASP A 282 25.19 -14.21 -7.48
N ASP A 283 26.14 -14.86 -6.80
CA ASP A 283 26.79 -16.02 -7.42
C ASP A 283 26.33 -17.36 -6.83
N ALA A 284 25.04 -17.43 -6.49
CA ALA A 284 24.51 -18.63 -5.84
C ALA A 284 24.67 -19.85 -6.73
N ILE A 285 24.26 -19.75 -8.00
CA ILE A 285 24.44 -20.82 -8.97
C ILE A 285 25.91 -21.26 -9.01
N GLY A 286 26.82 -20.31 -9.15
CA GLY A 286 28.24 -20.62 -9.17
C GLY A 286 28.73 -21.29 -7.91
N GLN A 287 28.12 -20.98 -6.79
CA GLN A 287 28.48 -21.56 -5.50
C GLN A 287 27.82 -22.91 -5.31
N ALA A 288 26.59 -23.04 -5.81
CA ALA A 288 25.81 -24.25 -5.66
C ALA A 288 26.20 -25.34 -6.65
N CYS A 289 26.60 -24.95 -7.87
CA CYS A 289 26.91 -25.89 -8.94
C CYS A 289 28.38 -26.30 -8.94
N LYS A 290 28.72 -27.22 -8.03
CA LYS A 290 30.09 -27.63 -7.87
C LYS A 290 30.34 -29.05 -8.37
N SER A 291 31.61 -29.29 -8.72
CA SER A 291 32.10 -30.61 -9.05
C SER A 291 31.97 -31.47 -7.80
N PRO A 292 31.57 -32.75 -7.96
CA PRO A 292 31.43 -33.48 -9.23
C PRO A 292 30.00 -33.73 -9.69
N TYR A 293 29.02 -33.16 -9.01
CA TYR A 293 27.62 -33.41 -9.34
C TYR A 293 27.06 -32.40 -10.33
N CYS A 294 27.70 -31.25 -10.47
CA CYS A 294 27.20 -30.23 -11.39
C CYS A 294 28.32 -29.62 -12.20
N ILE A 295 28.05 -29.37 -13.48
CA ILE A 295 29.01 -28.71 -14.36
C ILE A 295 28.59 -27.25 -14.51
N PHE A 296 29.46 -26.33 -14.10
CA PHE A 296 29.14 -24.91 -14.16
C PHE A 296 29.69 -24.21 -15.39
N TYR A 297 28.78 -23.57 -16.12
CA TYR A 297 29.17 -22.70 -17.22
C TYR A 297 28.93 -21.27 -16.79
N ASN A 298 30.01 -20.62 -16.34
CA ASN A 298 29.94 -19.23 -15.90
C ASN A 298 29.96 -18.26 -17.06
N LYS A 299 29.33 -17.10 -16.88
CA LYS A 299 29.49 -15.99 -17.80
C LYS A 299 30.77 -15.22 -17.52
N THR A 300 31.58 -15.04 -18.57
CA THR A 300 32.80 -14.24 -18.49
C THR A 300 32.47 -12.75 -18.66
N LYS A 301 31.50 -12.49 -19.54
CA LYS A 301 31.04 -11.14 -19.82
C LYS A 301 29.89 -10.69 -18.89
N PRO A 302 29.56 -9.37 -18.90
CA PRO A 302 28.30 -8.90 -18.31
C PRO A 302 27.08 -9.35 -19.10
N TYR A 303 25.89 -9.28 -18.51
CA TYR A 303 24.67 -9.56 -19.26
C TYR A 303 24.39 -8.46 -20.28
N LEU A 304 24.68 -8.78 -21.54
CA LEU A 304 24.58 -7.80 -22.62
C LEU A 304 23.67 -8.31 -23.73
N ALA A 305 22.55 -7.63 -23.93
CA ALA A 305 21.57 -8.03 -24.93
C ALA A 305 21.22 -6.87 -25.87
N PRO A 306 22.05 -6.67 -26.91
CA PRO A 306 21.80 -5.64 -27.91
C PRO A 306 20.69 -6.03 -28.89
N ASN A 307 20.51 -7.33 -29.09
CA ASN A 307 19.49 -7.85 -30.01
C ASN A 307 18.37 -8.57 -29.28
N GLY A 308 18.30 -8.40 -27.97
CA GLY A 308 17.24 -8.99 -27.17
C GLY A 308 16.04 -8.06 -27.03
N ALA A 309 15.06 -8.48 -26.24
CA ALA A 309 13.86 -7.70 -26.01
C ALA A 309 14.10 -6.51 -25.06
N ASP A 310 15.16 -6.59 -24.26
CA ASP A 310 15.51 -5.61 -23.24
C ASP A 310 16.87 -6.00 -22.67
N GLU A 311 17.44 -5.16 -21.82
CA GLU A 311 18.80 -5.37 -21.28
C GLU A 311 18.96 -6.64 -20.43
N ASN A 312 17.85 -7.33 -20.18
CA ASN A 312 17.85 -8.50 -19.31
C ASN A 312 17.40 -9.77 -19.99
N HIS A 313 17.03 -9.68 -21.26
CA HIS A 313 16.53 -10.83 -21.98
C HIS A 313 17.10 -10.90 -23.38
N GLY A 314 18.09 -11.77 -23.58
CA GLY A 314 18.64 -12.01 -24.91
C GLY A 314 20.14 -12.17 -25.02
N ASP A 315 20.82 -12.08 -23.87
CA ASP A 315 22.31 -12.07 -23.78
C ASP A 315 23.08 -12.75 -24.90
N GLU A 316 24.07 -12.03 -25.44
CA GLU A 316 24.94 -12.56 -26.49
C GLU A 316 25.74 -13.77 -26.02
N GLU A 317 26.39 -13.65 -24.85
CA GLU A 317 27.27 -14.72 -24.39
C GLU A 317 26.51 -16.03 -24.24
N VAL A 318 25.46 -16.04 -23.42
CA VAL A 318 24.68 -17.25 -23.18
C VAL A 318 24.06 -17.81 -24.47
N ARG A 319 23.54 -16.94 -25.34
CA ARG A 319 23.00 -17.37 -26.63
C ARG A 319 24.02 -18.21 -27.40
N GLN A 320 25.28 -17.77 -27.36
CA GLN A 320 26.38 -18.50 -27.99
C GLN A 320 26.65 -19.84 -27.32
N MET A 321 26.55 -19.88 -25.97
CA MET A 321 26.77 -21.10 -25.20
C MET A 321 25.72 -22.14 -25.56
N MET A 322 24.47 -21.70 -25.53
CA MET A 322 23.32 -22.56 -25.76
C MET A 322 23.25 -23.14 -27.17
N GLN A 323 24.07 -22.62 -28.07
CA GLN A 323 24.15 -23.16 -29.43
C GLN A 323 24.56 -24.62 -29.42
N GLY A 324 25.28 -25.02 -28.37
CA GLY A 324 25.78 -26.39 -28.25
C GLY A 324 24.72 -27.45 -28.02
N LEU A 325 23.51 -27.03 -27.65
CA LEU A 325 22.43 -27.96 -27.41
C LEU A 325 21.70 -28.37 -28.70
N LEU A 326 22.18 -27.87 -29.84
CA LEU A 326 21.64 -28.22 -31.14
C LEU A 326 22.33 -29.45 -31.71
N VAL A 327 23.57 -29.68 -31.30
CA VAL A 327 24.31 -30.87 -31.76
C VAL A 327 24.28 -32.02 -30.76
N ASN A 328 24.03 -33.21 -31.29
CA ASN A 328 24.18 -34.46 -30.54
C ASN A 328 25.66 -34.64 -30.31
N SER A 329 26.10 -34.26 -29.10
CA SER A 329 27.51 -34.31 -28.75
C SER A 329 27.89 -35.72 -28.33
N SER A 330 29.17 -35.91 -28.02
CA SER A 330 29.66 -37.20 -27.62
C SER A 330 30.38 -37.09 -26.29
N CYS A 331 30.56 -35.84 -25.86
CA CYS A 331 31.27 -35.51 -24.64
C CYS A 331 30.72 -34.21 -24.08
N VAL A 332 30.45 -34.20 -22.78
CA VAL A 332 29.95 -33.02 -22.06
C VAL A 332 30.89 -32.71 -20.89
N SER A 333 31.52 -31.54 -20.90
CA SER A 333 32.58 -31.23 -19.94
C SER A 333 32.48 -29.82 -19.38
N PRO A 334 33.34 -29.48 -18.39
CA PRO A 334 33.46 -28.10 -17.95
C PRO A 334 34.02 -27.19 -19.03
N GLN A 335 34.78 -27.76 -19.97
CA GLN A 335 35.35 -27.01 -21.08
C GLN A 335 34.35 -26.85 -22.22
N GLY A 336 33.25 -27.57 -22.15
CA GLY A 336 32.21 -27.51 -23.16
C GLY A 336 31.93 -28.85 -23.80
N SER A 337 31.11 -28.85 -24.85
CA SER A 337 30.75 -30.05 -25.57
C SER A 337 31.71 -30.33 -26.71
N THR A 338 31.78 -31.60 -27.13
CA THR A 338 32.51 -31.97 -28.35
C THR A 338 31.75 -33.05 -29.14
N PRO A 339 32.00 -33.16 -30.46
CA PRO A 339 31.53 -34.36 -31.14
C PRO A 339 32.50 -35.52 -30.85
N LEU A 340 32.19 -36.70 -31.39
CA LEU A 340 33.09 -37.83 -31.25
C LEU A 340 34.36 -37.54 -32.05
N ALA A 341 35.47 -37.44 -31.34
CA ALA A 341 36.75 -37.17 -31.97
C ALA A 341 37.86 -37.85 -31.19
N LEU A 342 39.01 -37.99 -31.84
CA LEU A 342 40.14 -38.67 -31.25
C LEU A 342 40.91 -37.75 -30.29
N TYR A 343 41.19 -36.53 -30.74
CA TYR A 343 41.96 -35.56 -29.94
C TYR A 343 41.20 -34.27 -29.61
N SER A 344 41.68 -33.55 -28.60
CA SER A 344 41.12 -32.25 -28.21
C SER A 344 42.17 -31.13 -28.19
N SER A 345 41.71 -29.89 -28.41
CA SER A 345 42.62 -28.74 -28.45
C SER A 345 43.04 -28.25 -27.06
N GLU A 346 42.32 -28.72 -26.04
CA GLU A 346 42.62 -28.41 -24.65
C GLU A 346 42.22 -29.57 -23.74
N MET A 347 42.87 -29.66 -22.58
CA MET A 347 42.62 -30.73 -21.61
C MET A 347 41.15 -30.72 -21.16
N ILE A 348 40.52 -31.88 -21.25
CA ILE A 348 39.18 -32.08 -20.68
C ILE A 348 39.35 -32.41 -19.20
N TYR A 349 38.63 -31.69 -18.36
CA TYR A 349 38.67 -31.92 -16.92
C TYR A 349 37.34 -32.47 -16.44
N ILE A 350 37.28 -32.94 -15.19
CA ILE A 350 36.04 -33.48 -14.63
C ILE A 350 35.32 -32.43 -13.79
N PRO A 351 33.97 -32.57 -13.64
CA PRO A 351 33.15 -33.70 -14.02
C PRO A 351 32.81 -33.72 -15.51
N ASN A 352 32.95 -34.87 -16.13
CA ASN A 352 32.46 -35.03 -17.51
C ASN A 352 31.74 -36.35 -17.66
N TYR A 353 31.26 -36.63 -18.87
CA TYR A 353 30.66 -37.93 -19.19
C TYR A 353 30.52 -38.10 -20.68
N GLY A 354 30.26 -39.35 -21.10
CA GLY A 354 30.21 -39.72 -22.52
C GLY A 354 31.55 -40.32 -22.94
N SER A 355 31.98 -40.02 -24.16
CA SER A 355 33.31 -40.39 -24.63
C SER A 355 34.05 -39.14 -25.08
N CYS A 356 35.06 -38.76 -24.30
CA CYS A 356 35.76 -37.49 -24.49
C CYS A 356 37.15 -37.68 -25.05
N PRO A 357 37.51 -36.86 -26.06
CA PRO A 357 38.85 -36.81 -26.64
C PRO A 357 39.95 -36.46 -25.65
N GLN A 358 41.15 -37.00 -25.86
CA GLN A 358 42.30 -36.72 -25.00
C GLN A 358 43.15 -35.59 -25.58
N TYR A 359 43.94 -34.95 -24.72
CA TYR A 359 44.72 -33.75 -25.08
C TYR A 359 45.84 -34.07 -26.06
N TYR A 360 45.85 -33.39 -27.20
CA TYR A 360 46.78 -33.71 -28.29
C TYR A 360 48.24 -33.71 -27.85
N LYS A 361 48.59 -32.79 -26.95
CA LYS A 361 49.99 -32.58 -26.55
C LYS A 361 50.56 -33.76 -25.77
N LEU A 362 49.71 -34.74 -25.46
CA LEU A 362 50.13 -35.98 -24.82
C LEU A 362 50.52 -37.03 -25.87
N PHE A 363 50.38 -36.67 -27.13
CA PHE A 363 50.60 -37.61 -28.25
C PHE A 363 51.42 -36.98 -29.37
N LYS B 2 20.43 12.68 33.19
CA LYS B 2 20.44 13.94 32.39
C LYS B 2 19.57 13.81 31.15
N PRO B 3 18.62 14.76 30.96
CA PRO B 3 17.75 14.76 29.77
C PRO B 3 18.54 15.11 28.50
N ILE B 4 18.07 14.61 27.36
CA ILE B 4 18.67 14.96 26.08
C ILE B 4 17.80 15.98 25.31
N THR B 5 18.35 16.50 24.22
CA THR B 5 17.64 17.44 23.38
C THR B 5 17.53 16.88 21.97
N PRO B 6 16.29 16.75 21.47
CA PRO B 6 16.12 16.20 20.13
C PRO B 6 16.94 16.98 19.13
N HIS B 7 17.51 16.26 18.17
CA HIS B 7 18.24 16.88 17.06
C HIS B 7 17.22 17.30 16.00
N TYR B 8 16.99 18.60 15.89
CA TYR B 8 16.04 19.11 14.91
C TYR B 8 16.32 18.58 13.50
N GLY B 9 15.25 18.18 12.80
CA GLY B 9 15.36 17.65 11.45
C GLY B 9 14.96 16.19 11.39
N PRO B 10 15.06 15.57 10.19
CA PRO B 10 14.62 14.19 10.03
C PRO B 10 15.50 13.16 10.76
N GLY B 11 14.95 11.97 10.94
CA GLY B 11 15.67 10.85 11.52
C GLY B 11 15.04 9.54 11.11
N HIS B 12 15.63 8.44 11.57
CA HIS B 12 15.08 7.13 11.34
C HIS B 12 15.37 6.25 12.54
N ILE B 13 14.42 5.38 12.87
CA ILE B 13 14.58 4.45 13.99
C ILE B 13 14.93 3.03 13.54
N THR B 14 15.00 2.81 12.23
CA THR B 14 15.27 1.50 11.65
C THR B 14 16.10 1.60 10.38
N PRO B 15 16.84 0.53 10.03
CA PRO B 15 17.61 0.53 8.77
C PRO B 15 16.72 0.68 7.54
N ASP B 16 15.43 0.36 7.68
CA ASP B 16 14.45 0.41 6.59
C ASP B 16 13.76 1.77 6.46
N TRP B 17 14.55 2.75 6.04
CA TRP B 17 14.05 4.08 5.70
C TRP B 17 14.52 4.41 4.28
N CYS B 18 14.00 5.50 3.73
CA CYS B 18 14.42 5.96 2.41
C CYS B 18 14.12 7.45 2.21
N GLY B 19 14.73 8.04 1.19
CA GLY B 19 14.51 9.45 0.89
C GLY B 19 14.10 9.68 -0.56
N PHE B 20 13.42 10.80 -0.79
CA PHE B 20 13.09 11.24 -2.13
C PHE B 20 13.57 12.66 -2.18
N GLY B 21 14.33 12.99 -3.23
CA GLY B 21 14.85 14.35 -3.36
C GLY B 21 15.25 14.79 -4.76
N ASP B 22 16.12 15.79 -4.80
CA ASP B 22 16.63 16.37 -6.04
C ASP B 22 18.17 16.47 -6.00
N ALA B 23 18.74 17.43 -6.74
CA ALA B 23 20.20 17.60 -6.79
C ALA B 23 20.84 17.52 -5.39
N ARG B 24 20.27 18.26 -4.45
CA ARG B 24 20.77 18.34 -3.09
C ARG B 24 20.82 16.99 -2.38
N SER B 25 20.38 15.94 -3.06
CA SER B 25 20.53 14.57 -2.58
C SER B 25 20.82 13.60 -3.74
N ASP B 26 21.43 14.14 -4.79
CA ASP B 26 21.81 13.36 -5.97
C ASP B 26 23.32 13.28 -6.06
N CYS B 27 23.85 12.10 -5.76
CA CYS B 27 25.28 11.82 -5.90
C CYS B 27 25.72 11.65 -7.35
N GLY B 28 24.79 11.86 -8.28
CA GLY B 28 25.08 11.82 -9.71
C GLY B 28 25.49 13.18 -10.25
N ASN B 29 25.23 14.23 -9.46
CA ASN B 29 25.60 15.59 -9.84
C ASN B 29 27.12 15.76 -9.79
N LYS B 30 27.67 16.40 -10.82
CA LYS B 30 29.12 16.57 -10.91
C LYS B 30 29.67 17.58 -9.89
N HIS B 31 28.80 18.04 -9.00
CA HIS B 31 29.20 18.97 -7.95
C HIS B 31 29.10 18.33 -6.58
N THR B 32 28.79 17.03 -6.57
CA THR B 32 28.84 16.20 -5.37
C THR B 32 30.31 16.18 -4.88
N PRO B 33 30.52 16.34 -3.55
CA PRO B 33 29.56 16.54 -2.48
C PRO B 33 29.11 17.98 -2.23
N LYS B 34 29.82 18.95 -2.81
CA LYS B 34 29.54 20.38 -2.56
C LYS B 34 28.10 20.82 -2.84
N SER B 35 27.38 20.09 -3.70
CA SER B 35 25.96 20.39 -4.01
C SER B 35 24.97 19.56 -3.18
N LEU B 36 25.47 18.71 -2.29
CA LEU B 36 24.63 17.93 -1.40
C LEU B 36 24.13 18.77 -0.21
N ASP B 37 23.01 18.33 0.37
CA ASP B 37 22.54 18.82 1.66
C ASP B 37 22.50 17.65 2.63
N ILE B 38 23.10 16.54 2.22
CA ILE B 38 23.09 15.28 2.97
C ILE B 38 24.50 14.68 3.03
N PRO B 39 24.81 13.95 4.12
CA PRO B 39 26.04 13.15 4.16
C PRO B 39 26.08 12.19 2.98
N GLN B 40 27.24 12.08 2.34
CA GLN B 40 27.36 11.33 1.08
C GLN B 40 27.00 9.85 1.23
N GLU B 41 27.34 9.25 2.38
CA GLU B 41 27.01 7.85 2.63
C GLU B 41 25.50 7.60 2.57
N LEU B 42 24.73 8.68 2.56
CA LEU B 42 23.28 8.60 2.60
C LEU B 42 22.63 8.73 1.23
N CYS B 43 23.43 9.02 0.21
CA CYS B 43 22.95 9.04 -1.17
C CYS B 43 22.26 7.72 -1.60
N PRO B 44 22.87 6.56 -1.24
CA PRO B 44 22.23 5.28 -1.58
C PRO B 44 20.84 5.08 -1.00
N LYS B 45 20.48 5.86 0.03
CA LYS B 45 19.14 5.76 0.62
C LYS B 45 18.12 6.64 -0.10
N PHE B 46 18.60 7.51 -0.98
CA PHE B 46 17.72 8.44 -1.68
C PHE B 46 17.41 8.04 -3.11
N SER B 47 16.21 8.38 -3.55
CA SER B 47 15.83 8.34 -4.95
C SER B 47 15.66 9.79 -5.38
N SER B 48 16.60 10.29 -6.18
CA SER B 48 16.71 11.72 -6.43
C SER B 48 17.28 12.04 -7.79
N ARG B 49 16.81 13.14 -8.38
CA ARG B 49 17.46 13.66 -9.56
C ARG B 49 17.52 15.19 -9.61
N THR B 50 18.71 15.68 -9.91
CA THR B 50 18.95 17.09 -10.20
C THR B 50 17.83 17.66 -11.08
N GLY B 51 17.18 18.71 -10.58
CA GLY B 51 16.22 19.49 -11.37
C GLY B 51 14.83 18.91 -11.44
N SER B 52 14.57 17.91 -10.62
CA SER B 52 13.28 17.27 -10.63
C SER B 52 12.55 17.43 -9.30
N SER B 53 11.26 17.09 -9.32
CA SER B 53 10.47 16.89 -8.12
C SER B 53 9.35 15.90 -8.46
N MET B 54 8.84 15.22 -7.44
CA MET B 54 7.79 14.23 -7.61
C MET B 54 6.53 14.82 -8.25
N PHE B 55 6.24 16.07 -7.93
CA PHE B 55 5.15 16.86 -8.55
C PHE B 55 5.41 17.04 -10.05
N ILE B 56 6.61 17.50 -10.41
CA ILE B 56 6.95 17.67 -11.81
C ILE B 56 6.78 16.34 -12.56
N SER B 57 7.40 15.29 -12.01
CA SER B 57 7.41 13.97 -12.61
C SER B 57 6.03 13.32 -12.66
N MET B 58 5.11 13.82 -11.83
CA MET B 58 3.73 13.38 -11.89
C MET B 58 3.15 13.78 -13.23
N HIS B 59 3.39 15.03 -13.63
CA HIS B 59 2.65 15.65 -14.73
C HIS B 59 3.36 15.76 -16.08
N TRP B 60 4.69 15.81 -16.08
CA TRP B 60 5.42 16.03 -17.32
C TRP B 60 6.42 14.91 -17.64
N ASN B 61 6.65 14.69 -18.93
CA ASN B 61 7.72 13.80 -19.38
C ASN B 61 9.01 14.58 -19.50
N ASN B 62 10.13 13.88 -19.62
CA ASN B 62 11.41 14.51 -19.94
C ASN B 62 11.29 15.41 -21.16
N GLY B 63 12.13 16.45 -21.21
CA GLY B 63 12.06 17.42 -22.29
C GLY B 63 10.97 18.46 -22.03
N SER B 64 10.84 19.40 -22.96
CA SER B 64 9.94 20.55 -22.81
C SER B 64 10.20 21.34 -21.51
N GLY B 65 11.48 21.48 -21.17
CA GLY B 65 11.91 22.26 -20.00
C GLY B 65 11.56 21.66 -18.66
N PHE B 66 11.34 20.34 -18.61
CA PHE B 66 11.09 19.68 -17.35
C PHE B 66 11.99 18.47 -17.20
N ASP B 67 12.66 18.38 -16.05
CA ASP B 67 13.50 17.22 -15.76
C ASP B 67 12.70 16.18 -15.01
N ALA B 68 12.06 15.29 -15.75
CA ALA B 68 11.26 14.22 -15.17
C ALA B 68 12.16 13.12 -14.65
N PHE B 69 11.73 12.46 -13.58
CA PHE B 69 12.53 11.39 -13.01
C PHE B 69 11.63 10.24 -12.59
N ASP B 70 12.06 9.03 -12.94
CA ASP B 70 11.37 7.82 -12.54
C ASP B 70 11.66 7.54 -11.06
N TYR B 71 11.09 8.37 -10.19
CA TYR B 71 11.22 8.23 -8.73
C TYR B 71 10.81 6.84 -8.30
N SER B 72 11.61 6.21 -7.45
CA SER B 72 11.27 4.89 -6.93
C SER B 72 12.01 4.54 -5.64
N ASN B 73 11.26 4.20 -4.60
CA ASN B 73 11.90 3.81 -3.35
C ASN B 73 11.02 3.02 -2.39
N CYS B 74 11.66 2.22 -1.54
CA CYS B 74 10.97 1.49 -0.49
C CYS B 74 11.53 1.86 0.86
N GLY B 75 10.66 2.01 1.85
CA GLY B 75 11.08 2.28 3.21
C GLY B 75 9.85 2.53 4.07
N VAL B 76 9.85 1.95 5.26
CA VAL B 76 8.83 2.23 6.26
C VAL B 76 8.90 3.72 6.60
N GLU B 77 10.10 4.19 6.93
CA GLU B 77 10.30 5.60 7.25
C GLU B 77 10.72 6.34 5.99
N LYS B 78 10.21 7.56 5.82
CA LYS B 78 10.38 8.31 4.58
C LYS B 78 10.76 9.76 4.82
N VAL B 79 11.83 10.22 4.19
CA VAL B 79 12.24 11.63 4.26
C VAL B 79 12.07 12.22 2.88
N PHE B 80 11.21 13.20 2.79
CA PHE B 80 10.95 13.91 1.55
C PHE B 80 11.68 15.23 1.61
N TYR B 81 12.55 15.47 0.63
CA TYR B 81 13.26 16.74 0.50
C TYR B 81 13.43 17.11 -0.98
N GLU B 82 12.30 17.51 -1.55
CA GLU B 82 12.21 17.98 -2.93
C GLU B 82 10.97 18.86 -3.02
N GLY B 83 10.70 19.38 -4.20
CA GLY B 83 9.56 20.28 -4.40
C GLY B 83 9.97 21.65 -4.92
N VAL B 84 11.19 22.07 -4.61
CA VAL B 84 11.69 23.41 -4.98
C VAL B 84 11.64 23.66 -6.48
N ASN B 85 11.92 22.62 -7.26
CA ASN B 85 12.00 22.77 -8.71
C ASN B 85 10.68 23.21 -9.36
N PHE B 86 9.61 23.26 -8.57
CA PHE B 86 8.37 23.91 -9.02
C PHE B 86 7.88 24.90 -7.98
N SER B 87 8.33 26.15 -8.12
CA SER B 87 7.89 27.21 -7.25
C SER B 87 7.47 28.37 -8.18
N PRO B 88 6.89 29.45 -7.63
CA PRO B 88 6.58 30.59 -8.50
C PRO B 88 7.75 31.04 -9.40
N HIS B 89 8.99 30.79 -8.98
CA HIS B 89 10.18 31.04 -9.80
C HIS B 89 10.11 30.41 -11.20
N ARG B 90 9.26 29.40 -11.36
CA ARG B 90 9.04 28.78 -12.67
C ARG B 90 8.38 29.74 -13.64
N ASN B 91 7.57 30.66 -13.11
CA ASN B 91 6.69 31.53 -13.91
C ASN B 91 5.82 30.74 -14.87
N TYR B 92 5.26 29.64 -14.39
CA TYR B 92 4.38 28.78 -15.21
C TYR B 92 2.91 29.03 -14.90
N THR B 93 2.13 29.13 -15.95
CA THR B 93 0.69 29.01 -15.89
C THR B 93 0.20 28.45 -17.21
N CYS B 94 -0.79 27.57 -17.16
CA CYS B 94 -1.31 26.97 -18.36
C CYS B 94 -2.51 27.76 -18.87
N TYR B 95 -3.47 28.00 -17.98
CA TYR B 95 -4.53 28.96 -18.29
C TYR B 95 -4.40 30.14 -17.34
N GLN B 96 -5.48 30.85 -17.03
CA GLN B 96 -5.36 32.06 -16.20
C GLN B 96 -5.19 31.78 -14.69
N GLU B 97 -4.92 30.54 -14.31
CA GLU B 97 -4.79 30.18 -12.89
C GLU B 97 -3.60 30.81 -12.18
N GLY B 98 -2.54 31.10 -12.94
CA GLY B 98 -1.38 31.79 -12.40
C GLY B 98 -0.44 30.93 -11.56
N SER B 99 0.59 31.57 -11.03
CA SER B 99 1.55 30.93 -10.13
C SER B 99 0.83 30.34 -8.93
N SER B 100 -0.06 31.13 -8.33
CA SER B 100 -0.77 30.72 -7.13
C SER B 100 -1.69 29.53 -7.41
N GLY B 101 -2.21 29.46 -8.62
CA GLY B 101 -3.05 28.33 -9.03
C GLY B 101 -2.23 27.07 -9.11
N TRP B 102 -0.93 27.23 -9.34
CA TRP B 102 0.00 26.11 -9.38
C TRP B 102 0.61 25.77 -8.02
N VAL B 103 0.53 26.70 -7.08
CA VAL B 103 0.87 26.40 -5.70
C VAL B 103 -0.22 25.50 -5.14
N SER B 104 -1.47 25.78 -5.48
CA SER B 104 -2.61 24.97 -5.05
C SER B 104 -2.50 23.53 -5.56
N ASN B 105 -2.29 23.40 -6.87
CA ASN B 105 -2.09 22.11 -7.47
C ASN B 105 -0.93 21.43 -6.78
N LYS B 106 0.15 22.19 -6.55
CA LYS B 106 1.32 21.66 -5.86
C LYS B 106 0.98 21.19 -4.44
N VAL B 107 0.23 22.00 -3.70
CA VAL B 107 -0.23 21.60 -2.36
C VAL B 107 -1.06 20.30 -2.42
N GLY B 108 -2.04 20.29 -3.33
CA GLY B 108 -2.94 19.15 -3.48
C GLY B 108 -2.20 17.87 -3.80
N PHE B 109 -1.20 17.95 -4.66
CA PHE B 109 -0.41 16.77 -4.95
C PHE B 109 0.34 16.29 -3.70
N TYR B 110 1.12 17.18 -3.08
CA TYR B 110 1.95 16.78 -1.94
C TYR B 110 1.12 16.37 -0.73
N SER B 111 -0.03 17.00 -0.52
CA SER B 111 -0.97 16.56 0.51
C SER B 111 -1.33 15.09 0.30
N LYS B 112 -1.66 14.75 -0.94
CA LYS B 112 -2.09 13.40 -1.28
C LYS B 112 -0.93 12.45 -1.24
N LEU B 113 0.19 12.87 -1.83
CA LEU B 113 1.39 12.07 -1.80
C LEU B 113 1.73 11.68 -0.37
N TYR B 114 1.80 12.66 0.55
CA TYR B 114 2.23 12.39 1.92
C TYR B 114 1.36 11.35 2.67
N SER B 115 0.04 11.57 2.70
CA SER B 115 -0.82 10.69 3.49
C SER B 115 -0.92 9.28 2.91
N MET B 116 -0.99 9.19 1.59
CA MET B 116 -0.87 7.91 0.91
C MET B 116 0.44 7.24 1.31
N ALA B 117 1.54 7.98 1.22
CA ALA B 117 2.87 7.47 1.57
C ALA B 117 2.94 6.87 2.99
N SER B 118 2.20 7.48 3.92
CA SER B 118 2.24 7.11 5.33
C SER B 118 1.69 5.71 5.61
N THR B 119 0.98 5.15 4.63
CA THR B 119 0.39 3.83 4.76
C THR B 119 1.01 2.86 3.76
N SER B 120 2.13 3.24 3.19
CA SER B 120 2.79 2.50 2.12
C SER B 120 4.26 2.29 2.47
N ARG B 121 4.91 1.37 1.75
CA ARG B 121 6.36 1.21 1.90
C ARG B 121 7.14 1.54 0.61
N CYS B 122 6.63 1.06 -0.52
CA CYS B 122 7.21 1.41 -1.80
C CYS B 122 6.34 2.43 -2.53
N ILE B 123 7.00 3.44 -3.07
CA ILE B 123 6.35 4.44 -3.92
C ILE B 123 7.15 4.44 -5.22
N LYS B 124 6.46 4.22 -6.33
CA LYS B 124 7.14 4.09 -7.62
C LYS B 124 6.36 4.71 -8.76
N LEU B 125 6.97 5.69 -9.41
CA LEU B 125 6.38 6.29 -10.59
C LEU B 125 6.38 5.26 -11.69
N ILE B 126 5.22 5.06 -12.31
CA ILE B 126 5.07 4.09 -13.38
C ILE B 126 4.40 4.72 -14.60
N ASN B 127 4.72 4.17 -15.78
CA ASN B 127 4.06 4.53 -17.02
C ASN B 127 2.90 3.58 -17.32
N LEU B 128 1.72 4.16 -17.53
CA LEU B 128 0.51 3.40 -17.83
C LEU B 128 0.46 3.04 -19.31
N ASP B 129 -0.08 1.87 -19.61
CA ASP B 129 -0.32 1.47 -21.01
C ASP B 129 -1.28 2.47 -21.66
N PRO B 130 -1.01 2.85 -22.92
CA PRO B 130 -1.93 3.73 -23.64
C PRO B 130 -3.35 3.15 -23.72
N PRO B 131 -4.38 4.03 -23.72
CA PRO B 131 -5.77 3.60 -23.66
C PRO B 131 -6.20 2.92 -24.95
N THR B 132 -7.39 2.32 -24.95
CA THR B 132 -7.98 1.76 -26.17
C THR B 132 -8.07 2.88 -27.20
N ASN B 133 -7.59 2.58 -28.40
CA ASN B 133 -7.37 3.59 -29.44
C ASN B 133 -8.62 4.42 -29.79
N PHE B 134 -8.40 5.69 -30.13
CA PHE B 134 -9.47 6.57 -30.64
C PHE B 134 -8.92 7.60 -31.64
N THR B 135 -9.82 8.13 -32.48
CA THR B 135 -9.43 8.96 -33.64
C THR B 135 -10.12 10.33 -33.69
N ASN B 136 -9.70 11.15 -34.64
CA ASN B 136 -10.24 12.50 -34.88
C ASN B 136 -10.22 13.37 -33.63
N TYR B 137 -9.02 13.76 -33.23
CA TYR B 137 -8.81 14.51 -31.99
C TYR B 137 -7.49 15.28 -32.08
N ARG B 138 -7.39 16.38 -31.35
CA ARG B 138 -6.08 17.04 -31.14
C ARG B 138 -5.78 17.20 -29.66
N ASN B 139 -4.49 17.11 -29.32
CA ASN B 139 -4.03 17.29 -27.94
C ASN B 139 -4.32 18.70 -27.43
N GLY B 140 -4.46 18.84 -26.12
CA GLY B 140 -4.73 20.13 -25.51
C GLY B 140 -3.52 21.04 -25.41
N THR B 141 -3.77 22.34 -25.42
CA THR B 141 -2.70 23.34 -25.30
C THR B 141 -3.07 24.44 -24.32
N CYS B 142 -2.04 25.10 -23.78
CA CYS B 142 -2.20 26.18 -22.82
C CYS B 142 -2.28 27.50 -23.58
N VAL B 143 -2.63 28.58 -22.89
CA VAL B 143 -2.57 29.93 -23.46
C VAL B 143 -1.53 30.78 -22.73
N GLY B 144 -1.08 30.26 -21.59
CA GLY B 144 -0.01 30.87 -20.80
C GLY B 144 1.27 31.09 -21.58
N ASN B 145 1.93 32.21 -21.28
CA ASN B 145 3.06 32.73 -22.08
C ASN B 145 2.81 32.67 -23.60
N GLY B 146 1.87 33.48 -24.06
CA GLY B 146 1.58 33.57 -25.50
C GLY B 146 1.12 32.27 -26.14
N GLY B 147 0.75 31.31 -25.30
CA GLY B 147 0.32 29.99 -25.74
C GLY B 147 1.45 29.01 -25.97
N THR B 148 2.57 29.21 -25.28
CA THR B 148 3.73 28.35 -25.46
C THR B 148 3.97 27.37 -24.29
N ALA B 149 3.20 27.50 -23.21
CA ALA B 149 3.39 26.66 -22.01
C ALA B 149 3.01 25.20 -22.23
N LYS B 150 3.81 24.29 -21.69
CA LYS B 150 3.57 22.85 -21.80
C LYS B 150 2.43 22.38 -20.88
N MET B 151 1.31 21.98 -21.47
CA MET B 151 0.28 21.30 -20.70
C MET B 151 0.80 19.91 -20.30
N PRO B 152 0.57 19.51 -19.04
CA PRO B 152 0.93 18.18 -18.54
C PRO B 152 0.65 17.04 -19.53
N ASP B 153 1.63 16.14 -19.64
CA ASP B 153 1.50 14.91 -20.42
C ASP B 153 0.65 13.93 -19.64
N ASN B 154 0.63 14.10 -18.33
CA ASN B 154 -0.23 13.32 -17.43
C ASN B 154 -1.01 14.24 -16.49
N PRO B 155 -2.36 14.22 -16.56
CA PRO B 155 -3.19 13.47 -17.48
C PRO B 155 -3.19 14.13 -18.83
N GLN B 156 -3.41 13.32 -19.86
CA GLN B 156 -3.36 13.77 -21.22
C GLN B 156 -4.76 14.19 -21.62
N LEU B 157 -4.90 15.47 -21.99
CA LEU B 157 -6.19 16.04 -22.39
C LEU B 157 -6.28 16.07 -23.89
N VAL B 158 -7.38 15.54 -24.41
CA VAL B 158 -7.66 15.53 -25.85
C VAL B 158 -8.93 16.33 -26.16
N ILE B 159 -8.95 16.97 -27.33
CA ILE B 159 -10.15 17.65 -27.83
C ILE B 159 -10.61 17.00 -29.14
N PHE B 160 -11.87 16.58 -29.19
CA PHE B 160 -12.42 15.87 -30.36
C PHE B 160 -12.89 16.84 -31.42
N ASP B 161 -12.63 16.50 -32.69
CA ASP B 161 -13.01 17.35 -33.83
C ASP B 161 -14.47 17.79 -33.78
N ALA B 162 -15.38 16.82 -33.63
CA ALA B 162 -16.81 17.08 -33.47
C ALA B 162 -17.31 16.47 -32.17
N VAL B 163 -18.45 16.96 -31.69
CA VAL B 163 -19.10 16.45 -30.47
C VAL B 163 -19.40 14.97 -30.63
N THR B 164 -18.89 14.17 -29.70
CA THR B 164 -19.04 12.72 -29.77
C THR B 164 -19.25 12.14 -28.37
N LYS B 165 -20.04 11.07 -28.28
CA LYS B 165 -20.00 10.23 -27.09
C LYS B 165 -18.92 9.17 -27.32
N LEU B 166 -17.98 9.08 -26.37
CA LEU B 166 -16.83 8.20 -26.49
C LEU B 166 -16.26 7.85 -25.13
N SER B 167 -15.92 6.58 -24.95
CA SER B 167 -15.38 6.09 -23.69
C SER B 167 -14.25 5.10 -23.94
N THR B 168 -13.07 5.40 -23.39
CA THR B 168 -11.87 4.57 -23.57
C THR B 168 -11.34 3.92 -22.29
N GLN B 169 -10.82 2.70 -22.42
CA GLN B 169 -10.31 1.92 -21.29
C GLN B 169 -8.82 2.14 -20.97
N PHE B 170 -8.54 2.48 -19.72
CA PHE B 170 -7.16 2.50 -19.27
C PHE B 170 -6.94 1.53 -18.11
N VAL B 171 -5.68 1.19 -17.85
CA VAL B 171 -5.37 0.12 -16.92
C VAL B 171 -4.44 0.59 -15.83
N LEU B 172 -4.83 0.39 -14.58
CA LEU B 172 -3.91 0.59 -13.47
C LEU B 172 -3.48 -0.77 -12.96
N PRO B 173 -2.25 -1.19 -13.32
CA PRO B 173 -1.74 -2.54 -13.04
C PRO B 173 -1.63 -2.84 -11.55
N ASN B 174 -1.72 -4.11 -11.18
CA ASN B 174 -1.71 -4.47 -9.75
C ASN B 174 -0.32 -4.73 -9.17
N SER B 175 0.66 -4.81 -10.07
CA SER B 175 2.08 -4.87 -9.69
C SER B 175 2.90 -4.12 -10.74
N SER B 176 4.17 -3.89 -10.44
CA SER B 176 5.09 -3.26 -11.39
C SER B 176 6.52 -3.69 -11.07
N ASP B 177 7.02 -4.65 -11.86
CA ASP B 177 8.34 -5.26 -11.65
C ASP B 177 8.71 -5.39 -10.18
N GLY B 178 8.07 -6.33 -9.49
CA GLY B 178 8.36 -6.60 -8.08
C GLY B 178 7.45 -5.88 -7.10
N VAL B 179 7.21 -4.58 -7.31
CA VAL B 179 6.39 -3.76 -6.41
C VAL B 179 4.89 -3.98 -6.64
N SER B 180 4.17 -4.28 -5.56
CA SER B 180 2.72 -4.37 -5.62
C SER B 180 2.13 -2.97 -5.66
N CYS B 181 1.20 -2.75 -6.59
CA CYS B 181 0.43 -1.53 -6.61
C CYS B 181 -0.94 -1.80 -6.01
N THR B 182 -1.04 -1.72 -4.69
CA THR B 182 -2.33 -1.90 -4.02
C THR B 182 -3.17 -0.63 -4.10
N LYS B 183 -2.51 0.49 -4.42
CA LYS B 183 -3.20 1.75 -4.72
C LYS B 183 -2.35 2.59 -5.66
N HIS B 184 -2.99 3.47 -6.42
CA HIS B 184 -2.27 4.39 -7.29
C HIS B 184 -2.65 5.82 -6.97
N LEU B 185 -1.64 6.69 -6.92
CA LEU B 185 -1.89 8.14 -6.93
C LEU B 185 -1.98 8.61 -8.38
N VAL B 186 -3.16 9.09 -8.78
CA VAL B 186 -3.45 9.40 -10.19
C VAL B 186 -4.04 10.81 -10.31
N PRO B 187 -3.49 11.64 -11.22
CA PRO B 187 -4.00 13.00 -11.41
C PRO B 187 -5.30 13.05 -12.21
N PHE B 188 -6.23 13.89 -11.78
CA PHE B 188 -7.40 14.23 -12.56
C PHE B 188 -7.46 15.74 -12.68
N CYS B 189 -7.21 16.25 -13.88
CA CYS B 189 -7.13 17.69 -14.08
C CYS B 189 -8.19 18.20 -15.05
N TYR B 190 -8.59 19.45 -14.87
CA TYR B 190 -9.65 20.06 -15.66
C TYR B 190 -9.51 21.59 -15.74
N ILE B 191 -10.21 22.18 -16.71
CA ILE B 191 -10.23 23.63 -16.84
C ILE B 191 -11.62 24.15 -16.49
N ASP B 192 -11.72 24.90 -15.40
CA ASP B 192 -13.02 25.43 -14.99
C ASP B 192 -13.30 26.79 -15.64
N GLY B 193 -14.36 27.45 -15.17
CA GLY B 193 -14.73 28.80 -15.62
C GLY B 193 -15.76 28.81 -16.73
N GLY B 194 -16.82 28.02 -16.56
CA GLY B 194 -17.89 27.93 -17.57
C GLY B 194 -17.47 27.25 -18.85
N CYS B 195 -18.25 27.47 -19.91
CA CYS B 195 -17.98 26.86 -21.21
C CYS B 195 -16.64 27.31 -21.83
N PHE B 196 -16.01 26.40 -22.56
CA PHE B 196 -14.69 26.62 -23.12
C PHE B 196 -14.82 26.96 -24.61
N GLU B 197 -14.52 28.20 -24.95
CA GLU B 197 -14.61 28.65 -26.33
C GLU B 197 -13.44 28.14 -27.19
N MET B 198 -13.76 27.57 -28.35
CA MET B 198 -12.79 27.22 -29.38
C MET B 198 -13.40 27.48 -30.75
N SER B 199 -12.65 28.21 -31.59
CA SER B 199 -13.14 28.66 -32.89
C SER B 199 -14.57 29.22 -32.84
N GLY B 200 -14.77 30.23 -31.97
CA GLY B 200 -16.02 30.97 -31.88
C GLY B 200 -17.23 30.25 -31.30
N VAL B 201 -17.00 29.07 -30.74
CA VAL B 201 -18.07 28.24 -30.19
C VAL B 201 -17.74 27.92 -28.75
N CYS B 202 -18.71 28.11 -27.85
CA CYS B 202 -18.49 27.82 -26.42
C CYS B 202 -18.96 26.42 -26.01
N HIS B 203 -18.00 25.52 -25.83
CA HIS B 203 -18.28 24.12 -25.53
C HIS B 203 -18.37 23.78 -24.04
N PRO B 204 -19.34 22.93 -23.65
CA PRO B 204 -19.37 22.34 -22.31
C PRO B 204 -18.10 21.53 -22.05
N PHE B 205 -17.43 21.83 -20.94
CA PHE B 205 -16.16 21.19 -20.61
C PHE B 205 -16.40 20.16 -19.53
N GLY B 206 -16.16 18.90 -19.84
CA GLY B 206 -16.36 17.86 -18.85
C GLY B 206 -16.05 16.45 -19.28
N TYR B 207 -15.61 15.67 -18.32
CA TYR B 207 -15.33 14.26 -18.53
C TYR B 207 -15.19 13.61 -17.17
N TYR B 208 -15.08 12.28 -17.16
CA TYR B 208 -14.92 11.57 -15.90
C TYR B 208 -14.12 10.29 -16.03
N TYR B 209 -13.64 9.81 -14.89
CA TYR B 209 -13.15 8.45 -14.75
C TYR B 209 -14.31 7.62 -14.21
N GLU B 210 -14.40 6.37 -14.65
CA GLU B 210 -15.45 5.48 -14.13
C GLU B 210 -15.02 4.03 -14.11
N SER B 211 -15.59 3.29 -13.17
CA SER B 211 -15.58 1.84 -13.13
C SER B 211 -16.82 1.47 -12.32
N PRO B 212 -17.15 0.17 -12.24
CA PRO B 212 -18.31 -0.18 -11.42
C PRO B 212 -18.28 0.40 -10.00
N SER B 213 -17.12 0.33 -9.34
CA SER B 213 -16.99 0.80 -7.96
C SER B 213 -16.25 2.14 -7.81
N PHE B 214 -16.33 2.99 -8.84
CA PHE B 214 -15.58 4.26 -8.82
C PHE B 214 -16.12 5.30 -9.80
N TYR B 215 -16.21 6.54 -9.31
CA TYR B 215 -16.51 7.69 -10.16
C TYR B 215 -15.73 8.89 -9.67
N HIS B 216 -15.16 9.64 -10.62
CA HIS B 216 -14.66 10.99 -10.36
C HIS B 216 -14.76 11.78 -11.64
N GLY B 217 -15.48 12.90 -11.59
CA GLY B 217 -15.68 13.70 -12.78
C GLY B 217 -15.67 15.19 -12.53
N PHE B 218 -15.71 15.95 -13.62
CA PHE B 218 -15.89 17.38 -13.57
C PHE B 218 -16.78 17.78 -14.74
N TYR B 219 -17.63 18.79 -14.54
CA TYR B 219 -18.44 19.34 -15.63
C TYR B 219 -18.78 20.79 -15.34
N THR B 220 -18.65 21.64 -16.37
CA THR B 220 -19.13 23.01 -16.29
C THR B 220 -19.69 23.46 -17.62
N ASN B 221 -20.86 24.08 -17.58
CA ASN B 221 -21.47 24.64 -18.78
C ASN B 221 -22.07 26.02 -18.49
N GLY B 222 -21.38 26.78 -17.65
CA GLY B 222 -21.84 28.12 -17.29
C GLY B 222 -21.51 29.17 -18.35
N THR B 223 -21.42 30.42 -17.91
CA THR B 223 -20.89 31.49 -18.73
C THR B 223 -19.39 31.54 -18.45
N ALA B 224 -18.60 31.72 -19.49
CA ALA B 224 -17.19 32.04 -19.31
C ALA B 224 -17.12 33.48 -18.80
N GLY B 225 -16.32 33.74 -17.77
CA GLY B 225 -15.54 32.71 -17.09
C GLY B 225 -14.06 32.93 -17.20
N LEU B 226 -13.41 33.08 -16.05
CA LEU B 226 -11.95 33.06 -15.97
C LEU B 226 -11.52 31.60 -15.82
N HIS B 227 -10.76 31.09 -16.79
CA HIS B 227 -10.42 29.67 -16.84
C HIS B 227 -9.19 29.29 -16.00
N SER B 228 -9.35 28.29 -15.14
CA SER B 228 -8.24 27.78 -14.33
C SER B 228 -7.97 26.32 -14.59
N TYR B 229 -6.70 26.00 -14.85
CA TYR B 229 -6.26 24.60 -14.92
C TYR B 229 -6.04 24.11 -13.50
N ILE B 230 -6.84 23.11 -13.11
CA ILE B 230 -6.90 22.64 -11.73
C ILE B 230 -6.78 21.12 -11.69
N CYS B 231 -5.96 20.62 -10.77
CA CYS B 231 -5.79 19.18 -10.59
C CYS B 231 -6.33 18.64 -9.26
N ASP B 232 -7.09 17.55 -9.32
CA ASP B 232 -7.38 16.68 -8.15
C ASP B 232 -6.37 15.51 -8.13
N TYR B 233 -5.98 15.07 -6.93
CA TYR B 233 -5.08 13.89 -6.86
C TYR B 233 -5.78 12.74 -6.20
N LEU B 234 -6.03 11.69 -6.99
CA LEU B 234 -6.89 10.59 -6.59
C LEU B 234 -6.14 9.36 -6.13
N GLU B 235 -6.70 8.68 -5.14
CA GLU B 235 -6.27 7.33 -4.79
C GLU B 235 -7.18 6.36 -5.51
N MET B 236 -6.57 5.55 -6.37
CA MET B 236 -7.30 4.58 -7.16
C MET B 236 -6.74 3.21 -6.96
N LYS B 237 -7.65 2.24 -6.83
CA LYS B 237 -7.29 0.83 -6.70
C LYS B 237 -6.81 0.30 -8.05
N PRO B 238 -6.03 -0.80 -8.04
CA PRO B 238 -5.71 -1.45 -9.31
C PRO B 238 -6.98 -1.95 -9.99
N GLY B 239 -7.01 -1.89 -11.31
CA GLY B 239 -8.18 -2.33 -12.08
C GLY B 239 -8.29 -1.71 -13.45
N VAL B 240 -9.44 -1.91 -14.08
CA VAL B 240 -9.70 -1.45 -15.44
C VAL B 240 -10.71 -0.30 -15.42
N TYR B 241 -10.36 0.83 -15.99
CA TYR B 241 -11.21 2.03 -15.88
C TYR B 241 -11.63 2.58 -17.24
N ASN B 242 -12.74 3.32 -17.26
CA ASN B 242 -13.15 4.03 -18.47
C ASN B 242 -12.94 5.54 -18.34
N ALA B 243 -12.44 6.17 -19.40
CA ALA B 243 -12.37 7.62 -19.45
C ALA B 243 -13.49 8.07 -20.38
N THR B 244 -14.47 8.80 -19.86
CA THR B 244 -15.66 9.13 -20.65
C THR B 244 -15.86 10.62 -20.84
N THR B 245 -16.30 11.00 -22.05
CA THR B 245 -16.55 12.39 -22.39
C THR B 245 -18.03 12.79 -22.27
N PHE B 246 -18.26 14.09 -22.09
CA PHE B 246 -19.61 14.65 -22.19
C PHE B 246 -19.87 15.20 -23.59
N GLY B 247 -18.82 15.19 -24.42
CA GLY B 247 -18.95 15.68 -25.79
C GLY B 247 -17.65 16.01 -26.47
N LYS B 248 -16.98 17.05 -26.00
CA LYS B 248 -15.87 17.64 -26.74
C LYS B 248 -14.48 17.34 -26.13
N PHE B 249 -14.43 17.16 -24.83
CA PHE B 249 -13.15 17.00 -24.14
C PHE B 249 -13.05 15.65 -23.44
N LEU B 250 -11.82 15.21 -23.18
CA LEU B 250 -11.54 13.98 -22.44
C LEU B 250 -10.09 13.95 -21.97
N ILE B 251 -9.87 13.43 -20.77
CA ILE B 251 -8.51 13.14 -20.30
C ILE B 251 -8.35 11.65 -19.98
N TYR B 252 -7.11 11.18 -19.99
CA TYR B 252 -6.77 9.84 -19.53
C TYR B 252 -5.39 9.88 -18.88
N PRO B 253 -5.17 9.09 -17.83
CA PRO B 253 -3.88 9.15 -17.16
C PRO B 253 -2.84 8.30 -17.88
N THR B 254 -1.56 8.66 -17.68
CA THR B 254 -0.45 8.05 -18.43
C THR B 254 0.67 7.63 -17.49
N LYS B 255 0.64 8.18 -16.29
CA LYS B 255 1.60 7.84 -15.25
C LYS B 255 0.83 7.82 -13.94
N SER B 256 1.22 6.95 -13.02
CA SER B 256 0.67 7.00 -11.68
C SER B 256 1.75 6.71 -10.66
N TYR B 257 1.50 7.04 -9.40
CA TYR B 257 2.38 6.59 -8.35
C TYR B 257 1.88 5.26 -7.80
N CYS B 258 2.64 4.21 -8.09
CA CYS B 258 2.32 2.86 -7.66
C CYS B 258 2.75 2.69 -6.23
N MET B 259 1.81 2.37 -5.36
CA MET B 259 2.10 2.20 -3.94
C MET B 259 1.56 0.88 -3.40
N ASP B 260 2.26 0.32 -2.44
CA ASP B 260 1.76 -0.86 -1.76
C ASP B 260 1.20 -0.45 -0.41
N THR B 261 0.77 -1.43 0.39
CA THR B 261 0.18 -1.15 1.69
C THR B 261 0.96 -1.87 2.78
N MET B 262 1.21 -1.15 3.87
CA MET B 262 1.69 -1.78 5.09
C MET B 262 0.66 -1.59 6.22
N ASN B 263 0.47 -2.62 7.04
CA ASN B 263 -0.59 -2.65 8.05
C ASN B 263 -0.51 -1.60 9.18
N TYR B 264 0.67 -1.03 9.40
CA TYR B 264 0.92 0.01 10.43
C TYR B 264 1.26 1.34 9.75
N THR B 265 0.51 2.39 10.08
CA THR B 265 0.76 3.74 9.55
C THR B 265 1.92 4.44 10.26
N VAL B 266 2.87 4.92 9.48
CA VAL B 266 4.04 5.64 10.03
C VAL B 266 4.17 7.00 9.35
N PRO B 267 4.03 8.08 10.12
CA PRO B 267 3.92 9.39 9.49
C PRO B 267 5.19 9.75 8.76
N VAL B 268 5.06 10.39 7.60
CA VAL B 268 6.22 10.76 6.78
C VAL B 268 6.86 12.06 7.27
N GLN B 269 8.06 12.33 6.78
CA GLN B 269 8.80 13.52 7.18
C GLN B 269 9.12 14.29 5.92
N ALA B 270 8.90 15.60 5.96
CA ALA B 270 9.26 16.46 4.85
C ALA B 270 10.07 17.65 5.37
N VAL B 271 11.16 17.94 4.66
CA VAL B 271 12.03 19.09 4.98
C VAL B 271 11.78 20.20 3.98
N GLN B 272 11.55 21.41 4.50
CA GLN B 272 11.33 22.60 3.68
C GLN B 272 12.26 22.71 2.47
N SER B 273 11.66 22.79 1.27
CA SER B 273 12.43 22.78 0.03
C SER B 273 12.32 24.07 -0.77
N ILE B 274 13.30 24.96 -0.60
CA ILE B 274 13.24 26.31 -1.20
C ILE B 274 14.53 26.79 -1.88
N TRP B 275 14.42 27.94 -2.57
CA TRP B 275 15.54 28.64 -3.19
C TRP B 275 16.09 29.68 -2.23
N SER B 276 17.30 30.17 -2.52
CA SER B 276 17.83 31.38 -1.89
C SER B 276 16.83 32.53 -2.10
N GLU B 277 17.00 33.61 -1.36
CA GLU B 277 16.08 34.73 -1.49
C GLU B 277 16.21 35.45 -2.83
N ASN B 278 17.13 34.97 -3.67
CA ASN B 278 17.30 35.48 -5.05
C ASN B 278 16.23 35.00 -6.03
N ARG B 279 15.43 34.02 -5.59
CA ARG B 279 14.35 33.47 -6.41
C ARG B 279 13.07 33.36 -5.59
N GLN B 280 11.93 33.31 -6.28
CA GLN B 280 10.63 33.21 -5.61
C GLN B 280 10.35 31.77 -5.19
N SER B 281 10.06 31.58 -3.91
CA SER B 281 9.73 30.26 -3.38
C SER B 281 8.23 30.15 -3.04
N ASP B 282 7.79 28.97 -2.60
CA ASP B 282 6.44 28.84 -2.03
C ASP B 282 6.48 27.99 -0.76
N ASP B 283 5.38 27.96 -0.02
CA ASP B 283 5.32 27.14 1.19
C ASP B 283 4.39 25.95 1.00
N ALA B 284 4.33 25.42 -0.23
CA ALA B 284 3.42 24.31 -0.50
C ALA B 284 3.73 23.12 0.40
N ILE B 285 5.01 22.78 0.51
CA ILE B 285 5.45 21.70 1.38
C ILE B 285 4.93 21.92 2.80
N GLY B 286 5.04 23.15 3.29
CA GLY B 286 4.55 23.47 4.61
C GLY B 286 3.06 23.30 4.73
N GLN B 287 2.35 23.61 3.65
CA GLN B 287 0.91 23.56 3.63
C GLN B 287 0.46 22.12 3.53
N ALA B 288 1.18 21.32 2.74
CA ALA B 288 0.85 19.93 2.49
C ALA B 288 1.28 19.00 3.61
N CYS B 289 2.45 19.26 4.19
CA CYS B 289 2.96 18.41 5.25
C CYS B 289 2.35 18.72 6.60
N LYS B 290 1.19 18.11 6.85
CA LYS B 290 0.42 18.36 8.06
C LYS B 290 0.29 17.14 8.97
N SER B 291 0.12 17.39 10.25
CA SER B 291 -0.20 16.37 11.22
C SER B 291 -1.58 15.78 10.86
N PRO B 292 -1.75 14.46 11.05
CA PRO B 292 -0.82 13.50 11.65
C PRO B 292 -0.13 12.56 10.64
N TYR B 293 -0.23 12.86 9.36
CA TYR B 293 0.36 11.97 8.36
C TYR B 293 1.77 12.38 8.02
N CYS B 294 2.14 13.62 8.32
CA CYS B 294 3.44 14.14 7.90
C CYS B 294 4.08 14.99 8.98
N ILE B 295 5.38 14.82 9.18
CA ILE B 295 6.14 15.62 10.15
C ILE B 295 6.97 16.68 9.43
N PHE B 296 6.57 17.95 9.56
CA PHE B 296 7.22 19.03 8.80
C PHE B 296 8.40 19.66 9.51
N TYR B 297 9.58 19.61 8.89
CA TYR B 297 10.76 20.28 9.42
C TYR B 297 11.06 21.54 8.61
N ASN B 298 10.57 22.68 9.11
CA ASN B 298 10.70 23.96 8.42
C ASN B 298 12.11 24.56 8.50
N LYS B 299 12.38 25.54 7.65
CA LYS B 299 13.60 26.35 7.73
C LYS B 299 13.34 27.66 8.47
N THR B 300 14.05 27.83 9.59
CA THR B 300 13.94 29.02 10.40
C THR B 300 14.65 30.19 9.72
N LYS B 301 15.63 29.88 8.89
CA LYS B 301 16.35 30.88 8.11
C LYS B 301 16.30 30.61 6.59
N PRO B 302 16.73 31.58 5.78
CA PRO B 302 16.83 31.39 4.33
C PRO B 302 17.84 30.31 3.90
N TYR B 303 17.80 29.97 2.62
CA TYR B 303 18.79 29.08 2.01
C TYR B 303 20.11 29.83 1.80
N LEU B 304 21.17 29.34 2.44
CA LEU B 304 22.48 29.98 2.39
C LEU B 304 23.57 28.93 2.20
N ALA B 305 24.29 29.02 1.10
CA ALA B 305 25.33 28.04 0.78
C ALA B 305 26.71 28.69 0.55
N PRO B 306 27.40 29.08 1.63
CA PRO B 306 28.71 29.70 1.50
C PRO B 306 29.80 28.69 1.15
N ASN B 307 29.56 27.42 1.47
CA ASN B 307 30.49 26.33 1.18
C ASN B 307 29.97 25.37 0.11
N GLY B 308 28.72 25.59 -0.31
CA GLY B 308 28.10 24.76 -1.33
C GLY B 308 28.57 25.10 -2.73
N ALA B 309 28.17 24.28 -3.70
CA ALA B 309 28.54 24.45 -5.10
C ALA B 309 28.14 25.82 -5.67
N ASP B 310 26.99 26.33 -5.20
CA ASP B 310 26.45 27.63 -5.59
C ASP B 310 25.43 28.09 -4.54
N GLU B 311 24.77 29.22 -4.76
CA GLU B 311 23.87 29.81 -3.76
C GLU B 311 22.60 29.02 -3.51
N ASN B 312 22.31 28.06 -4.40
CA ASN B 312 21.11 27.22 -4.30
C ASN B 312 21.37 25.73 -4.02
N HIS B 313 22.61 25.39 -3.66
CA HIS B 313 23.01 23.99 -3.46
C HIS B 313 24.07 23.85 -2.37
N GLY B 314 23.63 23.51 -1.16
CA GLY B 314 24.51 23.28 -0.03
C GLY B 314 24.18 24.10 1.20
N ASP B 315 22.89 24.18 1.55
CA ASP B 315 22.43 25.01 2.67
C ASP B 315 22.99 24.57 4.05
N GLU B 316 23.32 25.56 4.88
CA GLU B 316 23.85 25.33 6.23
C GLU B 316 22.83 24.65 7.15
N GLU B 317 21.61 25.20 7.20
CA GLU B 317 20.58 24.71 8.10
C GLU B 317 20.10 23.30 7.76
N VAL B 318 19.87 23.04 6.48
CA VAL B 318 19.39 21.72 6.06
C VAL B 318 20.47 20.66 6.28
N ARG B 319 21.72 21.00 5.95
CA ARG B 319 22.85 20.13 6.23
C ARG B 319 22.91 19.77 7.70
N GLN B 320 22.71 20.77 8.55
CA GLN B 320 22.63 20.54 9.99
C GLN B 320 21.48 19.60 10.33
N MET B 321 20.34 19.80 9.70
CA MET B 321 19.18 18.99 10.00
C MET B 321 19.42 17.53 9.62
N MET B 322 20.07 17.35 8.46
CA MET B 322 20.28 16.01 7.90
C MET B 322 21.18 15.11 8.74
N GLN B 323 22.10 15.71 9.49
CA GLN B 323 22.96 14.98 10.44
C GLN B 323 22.20 13.97 11.28
N GLY B 324 20.93 14.27 11.55
CA GLY B 324 20.06 13.40 12.32
C GLY B 324 19.91 12.02 11.71
N LEU B 325 20.14 11.93 10.39
CA LEU B 325 19.99 10.68 9.67
C LEU B 325 21.17 9.72 9.85
N LEU B 326 22.28 10.22 10.38
CA LEU B 326 23.47 9.39 10.56
C LEU B 326 23.39 8.45 11.76
N VAL B 327 22.35 8.61 12.58
CA VAL B 327 22.21 7.81 13.80
C VAL B 327 20.97 6.93 13.80
N ASN B 328 21.10 5.76 14.44
CA ASN B 328 19.99 4.87 14.68
C ASN B 328 19.19 5.42 15.86
N SER B 329 18.28 6.34 15.55
CA SER B 329 17.48 7.02 16.55
C SER B 329 16.42 6.11 17.12
N SER B 330 15.79 6.57 18.21
CA SER B 330 14.80 5.80 18.93
C SER B 330 13.44 6.48 18.84
N CYS B 331 13.47 7.80 18.72
CA CYS B 331 12.28 8.62 18.60
C CYS B 331 12.41 9.56 17.43
N VAL B 332 11.35 9.71 16.65
CA VAL B 332 11.29 10.69 15.57
C VAL B 332 10.05 11.56 15.83
N SER B 333 10.24 12.87 15.87
CA SER B 333 9.18 13.78 16.27
C SER B 333 9.27 15.15 15.59
N PRO B 334 8.25 16.01 15.81
CA PRO B 334 8.30 17.35 15.22
C PRO B 334 9.47 18.17 15.76
N GLN B 335 9.91 17.83 16.98
CA GLN B 335 11.03 18.49 17.64
C GLN B 335 12.40 17.93 17.22
N GLY B 336 12.39 16.79 16.55
CA GLY B 336 13.62 16.18 16.06
C GLY B 336 13.77 14.75 16.51
N SER B 337 14.95 14.19 16.32
CA SER B 337 15.18 12.80 16.69
C SER B 337 15.94 12.67 18.01
N THR B 338 15.72 11.56 18.71
CA THR B 338 16.50 11.24 19.91
C THR B 338 16.91 9.76 19.91
N PRO B 339 18.00 9.42 20.63
CA PRO B 339 18.28 8.01 20.91
C PRO B 339 17.44 7.53 22.10
N LEU B 340 17.66 6.30 22.54
CA LEU B 340 16.90 5.77 23.67
C LEU B 340 17.26 6.57 24.92
N ALA B 341 16.29 7.27 25.48
CA ALA B 341 16.54 8.05 26.70
C ALA B 341 15.28 8.21 27.53
N LEU B 342 15.48 8.33 28.83
CA LEU B 342 14.41 8.43 29.81
C LEU B 342 13.72 9.80 29.83
N TYR B 343 14.52 10.87 29.86
CA TYR B 343 13.99 12.23 29.96
C TYR B 343 14.34 13.15 28.77
N SER B 344 13.61 14.26 28.66
CA SER B 344 13.74 15.17 27.54
C SER B 344 13.79 16.64 27.97
N SER B 345 14.55 17.46 27.24
CA SER B 345 14.77 18.86 27.61
C SER B 345 13.61 19.80 27.24
N GLU B 346 12.77 19.35 26.32
CA GLU B 346 11.58 20.09 25.89
C GLU B 346 10.47 19.08 25.66
N MET B 347 9.24 19.56 25.47
CA MET B 347 8.10 18.66 25.24
C MET B 347 8.12 18.09 23.84
N ILE B 348 7.93 16.77 23.74
CA ILE B 348 7.81 16.05 22.46
C ILE B 348 6.33 15.91 22.10
N TYR B 349 5.92 16.61 21.05
CA TYR B 349 4.52 16.63 20.64
C TYR B 349 4.27 15.62 19.51
N ILE B 350 3.05 15.62 18.96
CA ILE B 350 2.74 14.74 17.84
C ILE B 350 2.61 15.55 16.54
N PRO B 351 2.85 14.92 15.38
CA PRO B 351 3.08 13.49 15.08
C PRO B 351 4.44 12.95 15.48
N ASN B 352 4.46 11.78 16.11
CA ASN B 352 5.72 11.10 16.46
C ASN B 352 5.56 9.59 16.51
N TYR B 353 6.69 8.88 16.48
CA TYR B 353 6.68 7.43 16.60
C TYR B 353 7.96 6.86 17.23
N GLY B 354 7.89 5.59 17.64
CA GLY B 354 9.03 4.92 18.26
C GLY B 354 8.86 4.97 19.76
N SER B 355 9.97 5.12 20.47
CA SER B 355 9.92 5.33 21.91
C SER B 355 10.53 6.68 22.22
N CYS B 356 9.72 7.58 22.76
CA CYS B 356 10.12 8.96 22.96
C CYS B 356 10.28 9.33 24.44
N PRO B 357 11.36 10.07 24.77
CA PRO B 357 11.59 10.60 26.11
C PRO B 357 10.47 11.52 26.55
N GLN B 358 10.21 11.55 27.85
CA GLN B 358 9.17 12.39 28.40
C GLN B 358 9.77 13.67 28.97
N TYR B 359 9.03 14.77 28.84
CA TYR B 359 9.47 16.09 29.28
C TYR B 359 9.89 16.07 30.75
N TYR B 360 11.20 16.19 30.98
CA TYR B 360 11.79 16.09 32.32
C TYR B 360 10.95 16.77 33.40
N LYS B 361 10.32 17.89 33.03
CA LYS B 361 9.66 18.77 33.99
C LYS B 361 8.49 18.10 34.72
N LEU B 362 7.81 17.18 34.04
CA LEU B 362 6.66 16.46 34.61
C LEU B 362 7.04 15.57 35.80
N PHE B 363 8.28 15.08 35.79
CA PHE B 363 8.82 14.27 36.88
C PHE B 363 9.79 15.11 37.72
N LYS C 2 8.30 0.23 39.23
CA LYS C 2 7.08 -0.55 38.84
C LYS C 2 6.45 -0.03 37.54
N PRO C 3 6.45 -0.86 36.47
CA PRO C 3 5.89 -0.46 35.17
C PRO C 3 4.36 -0.60 35.13
N ILE C 4 3.65 0.50 34.89
CA ILE C 4 2.18 0.46 34.84
C ILE C 4 1.64 -0.29 33.64
N THR C 5 0.48 -0.91 33.84
CA THR C 5 -0.29 -1.50 32.78
C THR C 5 -1.32 -0.46 32.37
N PRO C 6 -1.34 -0.09 31.08
CA PRO C 6 -2.37 0.83 30.63
C PRO C 6 -3.76 0.23 30.80
N HIS C 7 -4.70 1.05 31.26
CA HIS C 7 -6.11 0.66 31.34
C HIS C 7 -6.71 0.69 29.94
N TYR C 8 -7.08 -0.48 29.41
CA TYR C 8 -7.61 -0.56 28.06
C TYR C 8 -8.98 0.11 27.95
N GLY C 9 -9.09 1.06 27.04
CA GLY C 9 -10.29 1.87 26.89
C GLY C 9 -9.94 3.33 26.68
N PRO C 10 -10.96 4.18 26.52
CA PRO C 10 -10.68 5.59 26.25
C PRO C 10 -10.18 6.31 27.48
N GLY C 11 -9.65 7.51 27.29
CA GLY C 11 -9.16 8.34 28.37
C GLY C 11 -9.10 9.78 27.93
N HIS C 12 -8.94 10.69 28.89
CA HIS C 12 -8.73 12.11 28.63
C HIS C 12 -7.60 12.64 29.54
N ILE C 13 -6.86 13.63 29.06
CA ILE C 13 -5.76 14.22 29.82
C ILE C 13 -6.02 15.66 30.23
N THR C 14 -7.19 16.19 29.88
CA THR C 14 -7.59 17.57 30.19
C THR C 14 -9.08 17.60 30.47
N PRO C 15 -9.55 18.58 31.26
CA PRO C 15 -11.00 18.70 31.43
C PRO C 15 -11.72 19.10 30.12
N ASP C 16 -10.97 19.37 29.06
CA ASP C 16 -11.57 19.82 27.81
C ASP C 16 -11.78 18.65 26.85
N TRP C 17 -12.50 17.65 27.33
CA TRP C 17 -12.85 16.50 26.53
C TRP C 17 -14.37 16.36 26.48
N CYS C 18 -14.88 15.69 25.46
CA CYS C 18 -16.30 15.40 25.38
C CYS C 18 -16.51 14.06 24.67
N GLY C 19 -17.75 13.59 24.69
CA GLY C 19 -18.14 12.34 24.04
C GLY C 19 -19.42 12.47 23.25
N PHE C 20 -19.58 11.57 22.27
CA PHE C 20 -20.82 11.47 21.51
C PHE C 20 -21.24 10.02 21.62
N GLY C 21 -22.54 9.80 21.81
CA GLY C 21 -23.07 8.45 21.98
C GLY C 21 -24.56 8.30 21.75
N ASP C 22 -25.07 7.14 22.15
CA ASP C 22 -26.47 6.76 21.97
C ASP C 22 -27.10 6.46 23.34
N ALA C 23 -27.97 5.46 23.39
CA ALA C 23 -28.68 5.13 24.63
C ALA C 23 -27.75 4.81 25.78
N ARG C 24 -26.62 4.18 25.48
CA ARG C 24 -25.73 3.66 26.51
C ARG C 24 -24.96 4.75 27.25
N SER C 25 -25.25 6.01 26.87
CA SER C 25 -24.57 7.19 27.42
C SER C 25 -25.56 8.34 27.64
N ASP C 26 -26.85 8.03 27.50
CA ASP C 26 -27.91 9.01 27.64
C ASP C 26 -28.65 8.80 28.96
N CYS C 27 -28.36 9.65 29.95
CA CYS C 27 -29.02 9.56 31.25
C CYS C 27 -30.52 9.86 31.21
N GLY C 28 -31.00 10.39 30.09
CA GLY C 28 -32.42 10.67 29.90
C GLY C 28 -33.28 9.43 29.69
N ASN C 29 -32.64 8.30 29.39
CA ASN C 29 -33.32 7.02 29.22
C ASN C 29 -33.93 6.51 30.52
N LYS C 30 -35.18 6.05 30.46
CA LYS C 30 -35.94 5.59 31.64
C LYS C 30 -35.21 4.52 32.48
N HIS C 31 -34.37 3.72 31.82
CA HIS C 31 -33.66 2.61 32.46
C HIS C 31 -32.28 3.01 33.05
N THR C 32 -31.98 4.30 33.06
CA THR C 32 -30.74 4.80 33.66
C THR C 32 -30.77 4.50 35.15
N PRO C 33 -29.65 3.99 35.71
CA PRO C 33 -28.36 3.76 35.09
C PRO C 33 -28.08 2.30 34.69
N LYS C 34 -29.12 1.48 34.63
CA LYS C 34 -28.95 0.05 34.27
C LYS C 34 -28.69 -0.14 32.77
N SER C 35 -28.96 0.90 31.98
CA SER C 35 -28.74 0.84 30.54
C SER C 35 -27.51 1.63 30.06
N LEU C 36 -26.64 2.00 31.01
CA LEU C 36 -25.43 2.77 30.70
C LEU C 36 -24.22 1.88 30.51
N ASP C 37 -23.37 2.25 29.56
CA ASP C 37 -22.07 1.62 29.40
C ASP C 37 -20.99 2.52 29.96
N ILE C 38 -21.41 3.73 30.35
CA ILE C 38 -20.50 4.74 30.90
C ILE C 38 -20.91 5.05 32.33
N PRO C 39 -19.96 5.46 33.19
CA PRO C 39 -20.32 5.83 34.55
C PRO C 39 -21.28 7.02 34.57
N GLN C 40 -22.34 6.87 35.36
CA GLN C 40 -23.42 7.85 35.47
C GLN C 40 -22.89 9.27 35.52
N GLU C 41 -21.95 9.51 36.43
CA GLU C 41 -21.38 10.84 36.67
C GLU C 41 -20.70 11.46 35.44
N LEU C 42 -20.81 10.81 34.29
CA LEU C 42 -20.17 11.28 33.07
C LEU C 42 -21.14 11.67 31.96
N CYS C 43 -22.42 11.33 32.11
CA CYS C 43 -23.47 11.75 31.15
C CYS C 43 -23.36 13.22 30.71
N PRO C 44 -23.12 14.16 31.65
CA PRO C 44 -22.99 15.57 31.25
C PRO C 44 -21.89 15.86 30.23
N LYS C 45 -20.98 14.91 30.03
CA LYS C 45 -19.88 15.10 29.07
C LYS C 45 -20.24 14.56 27.70
N PHE C 46 -21.36 13.83 27.63
CA PHE C 46 -21.79 13.22 26.38
C PHE C 46 -22.95 13.95 25.72
N SER C 47 -22.92 14.00 24.40
CA SER C 47 -24.08 14.44 23.62
C SER C 47 -24.65 13.15 23.05
N SER C 48 -25.75 12.71 23.65
CA SER C 48 -26.29 11.39 23.34
C SER C 48 -27.80 11.34 23.45
N ARG C 49 -28.43 10.57 22.55
CA ARG C 49 -29.84 10.24 22.66
C ARG C 49 -30.08 8.77 22.37
N THR C 50 -31.01 8.17 23.12
CA THR C 50 -31.48 6.81 22.88
C THR C 50 -31.99 6.59 21.46
N GLY C 51 -31.46 5.55 20.80
CA GLY C 51 -31.95 5.11 19.51
C GLY C 51 -31.31 5.74 18.29
N SER C 52 -30.52 6.79 18.52
CA SER C 52 -29.97 7.56 17.43
C SER C 52 -28.49 7.25 17.22
N SER C 53 -27.94 7.79 16.13
CA SER C 53 -26.50 7.81 15.90
C SER C 53 -26.16 9.05 15.06
N MET C 54 -24.88 9.44 15.10
CA MET C 54 -24.38 10.58 14.32
C MET C 54 -24.54 10.32 12.82
N PHE C 55 -24.47 9.05 12.42
CA PHE C 55 -24.72 8.66 11.04
C PHE C 55 -26.20 8.77 10.65
N ILE C 56 -27.10 8.36 11.55
CA ILE C 56 -28.53 8.51 11.29
C ILE C 56 -28.90 9.98 11.21
N SER C 57 -28.42 10.75 12.18
CA SER C 57 -28.83 12.13 12.31
C SER C 57 -28.31 13.02 11.17
N MET C 58 -27.29 12.53 10.47
CA MET C 58 -26.78 13.17 9.27
C MET C 58 -27.79 13.12 8.15
N HIS C 59 -28.44 11.97 8.00
CA HIS C 59 -29.27 11.72 6.84
C HIS C 59 -30.74 11.89 7.07
N TRP C 60 -31.23 11.56 8.27
CA TRP C 60 -32.67 11.53 8.54
C TRP C 60 -33.14 12.41 9.67
N ASN C 61 -34.35 12.92 9.53
CA ASN C 61 -35.13 13.49 10.62
C ASN C 61 -35.89 12.38 11.34
N ASN C 62 -36.62 12.75 12.39
CA ASN C 62 -37.52 11.83 13.07
C ASN C 62 -38.60 11.26 12.15
N GLY C 63 -38.99 10.02 12.42
CA GLY C 63 -40.06 9.36 11.67
C GLY C 63 -39.55 8.24 10.78
N SER C 64 -40.45 7.33 10.43
CA SER C 64 -40.13 6.12 9.65
C SER C 64 -39.05 5.28 10.35
N GLY C 65 -39.18 5.16 11.67
CA GLY C 65 -38.32 4.30 12.48
C GLY C 65 -36.95 4.88 12.78
N PHE C 66 -36.72 6.14 12.39
CA PHE C 66 -35.45 6.82 12.62
C PHE C 66 -35.54 7.86 13.71
N ASP C 67 -34.68 7.72 14.72
CA ASP C 67 -34.62 8.67 15.81
C ASP C 67 -33.45 9.61 15.61
N ALA C 68 -33.78 10.85 15.30
CA ALA C 68 -32.77 11.84 14.94
C ALA C 68 -32.40 12.68 16.15
N PHE C 69 -31.14 13.12 16.19
CA PHE C 69 -30.63 13.89 17.31
C PHE C 69 -29.60 14.97 16.93
N ASP C 70 -29.83 16.18 17.44
CA ASP C 70 -28.98 17.32 17.15
C ASP C 70 -27.66 17.30 17.91
N TYR C 71 -26.87 16.23 17.72
CA TYR C 71 -25.52 16.13 18.28
C TYR C 71 -24.78 17.46 18.25
N SER C 72 -24.24 17.84 19.41
CA SER C 72 -23.63 19.13 19.59
C SER C 72 -22.66 19.09 20.77
N ASN C 73 -21.36 19.11 20.49
CA ASN C 73 -20.35 19.07 21.55
C ASN C 73 -18.98 19.59 21.17
N CYS C 74 -18.30 20.18 22.15
CA CYS C 74 -16.94 20.69 21.99
C CYS C 74 -16.03 19.94 22.96
N GLY C 75 -14.80 19.69 22.52
CA GLY C 75 -13.77 19.09 23.36
C GLY C 75 -12.54 18.89 22.49
N VAL C 76 -11.37 19.20 23.05
CA VAL C 76 -10.12 18.97 22.33
C VAL C 76 -9.87 17.47 22.22
N GLU C 77 -10.26 16.73 23.25
CA GLU C 77 -10.23 15.28 23.23
C GLU C 77 -11.66 14.79 23.08
N LYS C 78 -11.86 13.75 22.28
CA LYS C 78 -13.20 13.32 21.88
C LYS C 78 -13.36 11.80 21.99
N VAL C 79 -14.47 11.37 22.59
CA VAL C 79 -14.76 9.95 22.69
C VAL C 79 -16.09 9.62 22.01
N PHE C 80 -16.00 8.84 20.93
CA PHE C 80 -17.20 8.41 20.22
C PHE C 80 -17.63 7.03 20.65
N TYR C 81 -18.87 6.92 21.09
CA TYR C 81 -19.43 5.60 21.36
C TYR C 81 -20.85 5.49 20.84
N GLU C 82 -20.98 5.23 19.55
CA GLU C 82 -22.30 5.10 18.91
C GLU C 82 -22.17 4.60 17.48
N GLY C 83 -23.30 4.39 16.81
CA GLY C 83 -23.31 3.88 15.45
C GLY C 83 -23.98 2.53 15.35
N VAL C 84 -24.21 1.89 16.50
CA VAL C 84 -24.90 0.61 16.59
C VAL C 84 -26.31 0.66 15.99
N ASN C 85 -26.93 1.85 16.03
CA ASN C 85 -28.33 2.01 15.63
C ASN C 85 -28.55 2.07 14.13
N PHE C 86 -27.48 1.88 13.36
CA PHE C 86 -27.56 1.54 11.95
C PHE C 86 -26.56 0.44 11.60
N SER C 87 -26.83 -0.75 12.14
CA SER C 87 -26.15 -1.97 11.75
C SER C 87 -27.05 -2.70 10.74
N PRO C 88 -26.61 -3.87 10.21
CA PRO C 88 -27.49 -4.65 9.33
C PRO C 88 -28.79 -5.11 10.02
N HIS C 89 -28.85 -5.02 11.34
CA HIS C 89 -30.07 -5.34 12.08
C HIS C 89 -31.28 -4.52 11.63
N ARG C 90 -31.03 -3.31 11.16
CA ARG C 90 -32.09 -2.42 10.70
C ARG C 90 -32.79 -2.93 9.44
N ASN C 91 -32.11 -3.80 8.69
CA ASN C 91 -32.63 -4.37 7.43
C ASN C 91 -33.09 -3.32 6.42
N TYR C 92 -32.36 -2.20 6.38
CA TYR C 92 -32.69 -1.10 5.50
C TYR C 92 -31.97 -1.26 4.18
N THR C 93 -32.65 -0.87 3.11
CA THR C 93 -32.04 -0.69 1.79
C THR C 93 -32.93 0.27 1.01
N CYS C 94 -32.34 1.23 0.31
CA CYS C 94 -33.15 2.18 -0.44
C CYS C 94 -33.39 1.70 -1.87
N TYR C 95 -32.31 1.28 -2.53
CA TYR C 95 -32.41 0.59 -3.82
C TYR C 95 -31.81 -0.81 -3.65
N GLN C 96 -31.08 -1.33 -4.63
CA GLN C 96 -30.61 -2.72 -4.52
C GLN C 96 -29.30 -2.87 -3.75
N GLU C 97 -28.84 -1.80 -3.11
CA GLU C 97 -27.54 -1.81 -2.39
C GLU C 97 -27.49 -2.73 -1.17
N GLY C 98 -28.63 -2.93 -0.52
CA GLY C 98 -28.73 -3.87 0.59
C GLY C 98 -28.02 -3.41 1.86
N SER C 99 -28.09 -4.24 2.89
CA SER C 99 -27.46 -3.99 4.18
C SER C 99 -25.99 -3.57 4.05
N SER C 100 -25.23 -4.37 3.30
CA SER C 100 -23.80 -4.15 3.16
C SER C 100 -23.54 -2.84 2.44
N GLY C 101 -24.40 -2.50 1.48
CA GLY C 101 -24.33 -1.22 0.80
C GLY C 101 -24.44 -0.06 1.77
N TRP C 102 -25.14 -0.28 2.88
CA TRP C 102 -25.24 0.73 3.93
C TRP C 102 -24.14 0.61 5.00
N VAL C 103 -23.43 -0.51 5.02
CA VAL C 103 -22.22 -0.60 5.82
C VAL C 103 -21.15 0.30 5.13
N SER C 104 -21.10 0.25 3.80
CA SER C 104 -20.21 1.07 3.00
C SER C 104 -20.43 2.56 3.24
N ASN C 105 -21.69 2.99 3.18
CA ASN C 105 -22.01 4.38 3.49
C ASN C 105 -21.61 4.70 4.93
N LYS C 106 -21.94 3.80 5.84
CA LYS C 106 -21.61 3.98 7.25
C LYS C 106 -20.11 4.19 7.45
N VAL C 107 -19.28 3.38 6.79
CA VAL C 107 -17.82 3.52 6.90
C VAL C 107 -17.38 4.87 6.32
N GLY C 108 -18.00 5.26 5.21
CA GLY C 108 -17.74 6.56 4.59
C GLY C 108 -18.00 7.70 5.54
N PHE C 109 -19.19 7.72 6.14
CA PHE C 109 -19.56 8.80 7.05
C PHE C 109 -18.57 8.87 8.18
N TYR C 110 -18.33 7.73 8.83
CA TYR C 110 -17.49 7.70 10.02
C TYR C 110 -16.02 8.04 9.74
N SER C 111 -15.46 7.49 8.67
CA SER C 111 -14.10 7.84 8.25
C SER C 111 -13.93 9.34 8.16
N LYS C 112 -14.90 10.01 7.52
CA LYS C 112 -14.83 11.45 7.34
C LYS C 112 -15.06 12.14 8.67
N LEU C 113 -16.08 11.72 9.41
CA LEU C 113 -16.36 12.35 10.69
C LEU C 113 -15.15 12.33 11.61
N TYR C 114 -14.59 11.15 11.88
CA TYR C 114 -13.47 11.05 12.81
C TYR C 114 -12.30 11.96 12.41
N SER C 115 -11.84 11.82 11.17
CA SER C 115 -10.65 12.54 10.72
C SER C 115 -10.87 14.05 10.75
N MET C 116 -12.05 14.49 10.30
CA MET C 116 -12.39 15.90 10.38
C MET C 116 -12.43 16.35 11.84
N ALA C 117 -12.99 15.51 12.69
CA ALA C 117 -13.12 15.80 14.12
C ALA C 117 -11.76 15.96 14.81
N SER C 118 -10.75 15.25 14.30
CA SER C 118 -9.40 15.23 14.89
C SER C 118 -8.73 16.58 14.74
N THR C 119 -9.24 17.37 13.81
CA THR C 119 -8.73 18.72 13.53
C THR C 119 -9.74 19.81 13.93
N SER C 120 -10.73 19.44 14.72
CA SER C 120 -11.78 20.37 15.16
C SER C 120 -11.88 20.37 16.69
N ARG C 121 -12.56 21.35 17.26
CA ARG C 121 -12.92 21.25 18.67
C ARG C 121 -14.43 21.08 18.89
N CYS C 122 -15.23 22.00 18.36
CA CYS C 122 -16.69 21.86 18.38
C CYS C 122 -17.19 21.20 17.12
N ILE C 123 -18.21 20.35 17.30
CA ILE C 123 -18.91 19.67 16.22
C ILE C 123 -20.36 19.79 16.58
N LYS C 124 -21.20 20.20 15.63
CA LYS C 124 -22.63 20.19 15.87
C LYS C 124 -23.44 20.07 14.58
N LEU C 125 -24.44 19.19 14.65
CA LEU C 125 -25.39 19.04 13.56
C LEU C 125 -26.25 20.30 13.47
N ILE C 126 -26.43 20.77 12.25
CA ILE C 126 -27.19 21.99 11.98
C ILE C 126 -28.14 21.80 10.80
N ASN C 127 -29.22 22.56 10.80
CA ASN C 127 -30.17 22.56 9.70
C ASN C 127 -29.92 23.71 8.76
N LEU C 128 -29.77 23.39 7.48
CA LEU C 128 -29.52 24.38 6.45
C LEU C 128 -30.80 25.11 6.07
N ASP C 129 -30.67 26.30 5.52
CA ASP C 129 -31.83 27.03 5.02
C ASP C 129 -32.31 26.35 3.74
N PRO C 130 -33.63 26.41 3.47
CA PRO C 130 -34.08 25.93 2.17
C PRO C 130 -33.34 26.61 1.02
N PRO C 131 -33.06 25.85 -0.05
CA PRO C 131 -32.43 26.43 -1.23
C PRO C 131 -33.42 27.35 -1.94
N THR C 132 -32.92 28.19 -2.86
CA THR C 132 -33.78 29.09 -3.64
C THR C 132 -34.85 28.28 -4.36
N ASN C 133 -36.08 28.79 -4.35
CA ASN C 133 -37.24 27.98 -4.73
C ASN C 133 -37.21 27.49 -6.18
N PHE C 134 -37.81 26.32 -6.41
CA PHE C 134 -38.08 25.78 -7.75
C PHE C 134 -39.43 25.05 -7.72
N THR C 135 -39.99 24.77 -8.89
CA THR C 135 -41.30 24.11 -9.01
C THR C 135 -41.28 22.92 -9.97
N ASN C 136 -42.43 22.25 -10.09
CA ASN C 136 -42.62 21.13 -11.02
C ASN C 136 -41.70 19.94 -10.72
N TYR C 137 -41.79 19.44 -9.50
CA TYR C 137 -40.94 18.36 -9.05
C TYR C 137 -41.67 17.45 -8.08
N ARG C 138 -41.02 16.34 -7.73
CA ARG C 138 -41.43 15.51 -6.62
C ARG C 138 -40.19 15.04 -5.86
N ASN C 139 -40.34 14.84 -4.55
CA ASN C 139 -39.27 14.28 -3.73
C ASN C 139 -38.98 12.85 -4.16
N GLY C 140 -37.70 12.45 -4.09
CA GLY C 140 -37.29 11.09 -4.45
C GLY C 140 -37.78 10.06 -3.45
N THR C 141 -38.00 8.84 -3.92
CA THR C 141 -38.51 7.78 -3.06
C THR C 141 -37.64 6.54 -3.18
N CYS C 142 -37.61 5.74 -2.12
CA CYS C 142 -36.94 4.44 -2.14
C CYS C 142 -37.89 3.36 -2.65
N VAL C 143 -37.36 2.43 -3.45
CA VAL C 143 -38.14 1.24 -3.81
C VAL C 143 -37.98 0.16 -2.73
N GLY C 144 -36.80 0.11 -2.13
CA GLY C 144 -36.47 -0.87 -1.12
C GLY C 144 -37.51 -1.01 -0.03
N ASN C 145 -37.65 -2.24 0.48
CA ASN C 145 -38.60 -2.59 1.53
C ASN C 145 -40.03 -2.25 1.14
N GLY C 146 -40.41 -2.59 -0.09
CA GLY C 146 -41.75 -2.29 -0.62
C GLY C 146 -42.10 -0.81 -0.58
N GLY C 147 -41.08 0.04 -0.68
CA GLY C 147 -41.27 1.48 -0.66
C GLY C 147 -41.50 2.08 0.72
N THR C 148 -41.32 1.26 1.75
CA THR C 148 -41.48 1.72 3.13
C THR C 148 -40.11 1.98 3.75
N ALA C 149 -39.19 2.43 2.91
CA ALA C 149 -37.88 2.88 3.38
C ALA C 149 -37.81 4.37 3.06
N LYS C 150 -37.57 5.18 4.08
CA LYS C 150 -37.51 6.61 3.88
C LYS C 150 -36.14 6.95 3.26
N MET C 151 -36.15 7.52 2.08
CA MET C 151 -34.95 8.12 1.51
C MET C 151 -34.49 9.24 2.45
N PRO C 152 -33.18 9.38 2.66
CA PRO C 152 -32.66 10.45 3.50
C PRO C 152 -33.35 11.81 3.28
N ASP C 153 -33.60 12.53 4.38
CA ASP C 153 -34.00 13.93 4.33
C ASP C 153 -32.80 14.81 3.93
N ASN C 154 -31.59 14.31 4.19
CA ASN C 154 -30.35 14.99 3.86
C ASN C 154 -29.33 14.03 3.28
N PRO C 155 -28.97 14.20 2.00
CA PRO C 155 -29.40 15.28 1.11
C PRO C 155 -30.74 14.99 0.45
N GLN C 156 -31.52 16.04 0.23
CA GLN C 156 -32.83 15.92 -0.40
C GLN C 156 -32.67 15.69 -1.88
N LEU C 157 -33.29 14.63 -2.38
CA LEU C 157 -33.30 14.34 -3.81
C LEU C 157 -34.63 14.79 -4.39
N VAL C 158 -34.58 15.54 -5.49
CA VAL C 158 -35.80 15.94 -6.19
C VAL C 158 -35.78 15.51 -7.66
N ILE C 159 -36.96 15.25 -8.22
CA ILE C 159 -37.07 14.84 -9.61
C ILE C 159 -37.93 15.81 -10.41
N PHE C 160 -37.32 16.47 -11.38
CA PHE C 160 -38.01 17.48 -12.19
C PHE C 160 -38.96 16.85 -13.20
N ASP C 161 -40.19 17.32 -13.22
CA ASP C 161 -41.23 16.72 -14.06
C ASP C 161 -40.84 16.71 -15.54
N ALA C 162 -40.06 17.70 -15.96
CA ALA C 162 -39.55 17.73 -17.33
C ALA C 162 -38.04 17.99 -17.32
N VAL C 163 -37.33 17.34 -18.25
CA VAL C 163 -35.89 17.58 -18.41
C VAL C 163 -35.67 19.08 -18.43
N THR C 164 -34.80 19.55 -17.55
CA THR C 164 -34.72 20.97 -17.22
C THR C 164 -33.29 21.52 -17.13
N LYS C 165 -33.19 22.85 -17.14
CA LYS C 165 -31.96 23.56 -16.84
C LYS C 165 -32.18 24.27 -15.50
N LEU C 166 -31.31 23.98 -14.52
CA LEU C 166 -31.55 24.45 -13.16
C LEU C 166 -30.32 24.41 -12.26
N SER C 167 -30.02 25.55 -11.66
CA SER C 167 -29.08 25.64 -10.54
C SER C 167 -29.85 26.25 -9.37
N THR C 168 -29.70 25.65 -8.19
CA THR C 168 -30.30 26.23 -6.99
C THR C 168 -29.25 26.52 -5.92
N GLN C 169 -29.32 27.72 -5.35
CA GLN C 169 -28.33 28.15 -4.38
C GLN C 169 -28.62 27.57 -3.04
N PHE C 170 -27.60 27.09 -2.35
CA PHE C 170 -27.70 26.74 -0.94
C PHE C 170 -26.51 27.28 -0.17
N VAL C 171 -26.71 27.47 1.13
CA VAL C 171 -25.77 28.20 1.96
C VAL C 171 -25.29 27.35 3.12
N LEU C 172 -23.98 27.17 3.22
CA LEU C 172 -23.38 26.58 4.42
C LEU C 172 -22.88 27.76 5.24
N PRO C 173 -23.53 28.02 6.39
CA PRO C 173 -23.25 29.22 7.17
C PRO C 173 -21.81 29.25 7.69
N ASN C 174 -21.27 30.44 7.91
CA ASN C 174 -19.91 30.56 8.46
C ASN C 174 -19.87 30.30 9.96
N SER C 175 -21.06 30.20 10.57
CA SER C 175 -21.19 29.84 11.98
C SER C 175 -22.59 29.30 12.32
N SER C 176 -22.68 28.61 13.45
CA SER C 176 -23.96 28.21 14.02
C SER C 176 -23.90 28.32 15.54
N ASP C 177 -24.75 29.18 16.11
CA ASP C 177 -24.68 29.55 17.52
C ASP C 177 -23.31 30.13 17.89
N GLY C 178 -22.66 29.61 18.93
CA GLY C 178 -21.33 30.07 19.31
C GLY C 178 -20.16 29.38 18.61
N VAL C 179 -20.44 28.59 17.58
CA VAL C 179 -19.39 27.85 16.89
C VAL C 179 -19.07 28.52 15.55
N SER C 180 -17.79 28.65 15.22
CA SER C 180 -17.39 29.02 13.86
C SER C 180 -17.38 27.77 12.99
N CYS C 181 -18.19 27.78 11.93
CA CYS C 181 -18.19 26.67 11.01
C CYS C 181 -17.10 26.90 9.96
N THR C 182 -15.84 26.65 10.35
CA THR C 182 -14.73 26.84 9.42
C THR C 182 -14.65 25.69 8.40
N LYS C 183 -15.33 24.58 8.70
CA LYS C 183 -15.66 23.57 7.70
C LYS C 183 -16.97 22.88 8.02
N HIS C 184 -17.67 22.41 6.98
CA HIS C 184 -18.87 21.62 7.12
C HIS C 184 -18.62 20.23 6.57
N LEU C 185 -19.23 19.23 7.20
CA LEU C 185 -19.31 17.89 6.65
C LEU C 185 -20.68 17.76 6.00
N VAL C 186 -20.69 17.55 4.69
CA VAL C 186 -21.91 17.55 3.90
C VAL C 186 -21.98 16.31 3.00
N PRO C 187 -23.11 15.58 3.04
CA PRO C 187 -23.24 14.35 2.25
C PRO C 187 -23.57 14.61 0.79
N PHE C 188 -23.03 13.75 -0.07
CA PHE C 188 -23.36 13.75 -1.48
C PHE C 188 -23.69 12.32 -1.86
N CYS C 189 -25.00 12.03 -1.96
CA CYS C 189 -25.50 10.71 -2.30
C CYS C 189 -26.05 10.65 -3.70
N TYR C 190 -25.80 9.54 -4.37
CA TYR C 190 -26.31 9.29 -5.71
C TYR C 190 -26.78 7.85 -5.83
N ILE C 191 -27.55 7.58 -6.88
CA ILE C 191 -27.97 6.23 -7.22
C ILE C 191 -27.25 5.86 -8.50
N ASP C 192 -26.32 4.89 -8.43
CA ASP C 192 -25.61 4.45 -9.62
C ASP C 192 -26.41 3.42 -10.44
N GLY C 193 -25.74 2.76 -11.38
CA GLY C 193 -26.33 1.64 -12.11
C GLY C 193 -26.96 2.00 -13.44
N GLY C 194 -26.24 2.82 -14.22
CA GLY C 194 -26.69 3.21 -15.56
C GLY C 194 -27.87 4.16 -15.51
N CYS C 195 -28.67 4.20 -16.57
CA CYS C 195 -29.81 5.09 -16.65
C CYS C 195 -30.88 4.70 -15.65
N PHE C 196 -31.72 5.65 -15.28
CA PHE C 196 -32.73 5.44 -14.25
C PHE C 196 -34.15 5.46 -14.86
N GLU C 197 -34.81 4.30 -14.85
CA GLU C 197 -36.09 4.15 -15.55
C GLU C 197 -37.25 4.78 -14.78
N MET C 198 -38.03 5.61 -15.46
CA MET C 198 -39.23 6.23 -14.89
C MET C 198 -40.30 6.37 -15.97
N SER C 199 -41.49 5.85 -15.69
CA SER C 199 -42.58 5.77 -16.68
C SER C 199 -42.11 5.30 -18.05
N GLY C 200 -41.25 4.28 -18.05
CA GLY C 200 -40.75 3.69 -19.29
C GLY C 200 -39.68 4.48 -20.02
N VAL C 201 -39.20 5.57 -19.41
CA VAL C 201 -38.14 6.40 -20.00
C VAL C 201 -36.88 6.26 -19.17
N CYS C 202 -35.75 5.97 -19.83
CA CYS C 202 -34.51 5.75 -19.07
C CYS C 202 -33.57 6.96 -19.09
N HIS C 203 -33.61 7.71 -17.99
CA HIS C 203 -32.94 9.01 -17.88
C HIS C 203 -31.49 8.94 -17.36
N PRO C 204 -30.63 9.84 -17.86
CA PRO C 204 -29.27 10.00 -17.34
C PRO C 204 -29.36 10.50 -15.91
N PHE C 205 -28.70 9.77 -15.01
CA PHE C 205 -28.72 10.10 -13.59
C PHE C 205 -27.48 10.88 -13.21
N GLY C 206 -27.67 12.12 -12.75
CA GLY C 206 -26.56 12.93 -12.31
C GLY C 206 -26.90 14.37 -11.94
N TYR C 207 -26.04 14.93 -11.09
CA TYR C 207 -26.15 16.30 -10.59
C TYR C 207 -24.80 16.69 -9.97
N TYR C 208 -24.66 17.94 -9.55
CA TYR C 208 -23.41 18.36 -8.87
C TYR C 208 -23.55 19.51 -7.88
N TYR C 209 -22.61 19.55 -6.93
CA TYR C 209 -22.37 20.74 -6.12
C TYR C 209 -21.27 21.51 -6.80
N GLU C 210 -21.37 22.83 -6.75
CA GLU C 210 -20.38 23.71 -7.38
C GLU C 210 -20.38 25.14 -6.82
N SER C 211 -19.21 25.78 -6.91
CA SER C 211 -19.02 27.19 -6.59
C SER C 211 -17.71 27.56 -7.29
N PRO C 212 -17.41 28.87 -7.40
CA PRO C 212 -16.15 29.32 -8.01
C PRO C 212 -14.87 28.74 -7.39
N SER C 213 -15.01 27.80 -6.46
CA SER C 213 -13.84 27.19 -5.81
C SER C 213 -14.11 25.77 -5.32
N PHE C 214 -15.09 25.11 -5.92
CA PHE C 214 -15.48 23.77 -5.50
C PHE C 214 -16.34 23.05 -6.53
N TYR C 215 -16.10 21.75 -6.67
CA TYR C 215 -16.91 20.89 -7.51
C TYR C 215 -16.90 19.45 -7.00
N HIS C 216 -18.08 18.92 -6.69
CA HIS C 216 -18.25 17.49 -6.53
C HIS C 216 -19.52 17.07 -7.25
N GLY C 217 -19.44 15.98 -8.00
CA GLY C 217 -20.59 15.51 -8.76
C GLY C 217 -20.61 14.02 -9.03
N PHE C 218 -21.74 13.56 -9.59
CA PHE C 218 -21.89 12.22 -10.12
C PHE C 218 -22.69 12.28 -11.41
N TYR C 219 -22.34 11.40 -12.35
CA TYR C 219 -23.11 11.22 -13.58
C TYR C 219 -23.04 9.76 -13.98
N THR C 220 -24.11 9.27 -14.61
CA THR C 220 -24.12 7.95 -15.22
C THR C 220 -25.20 7.85 -16.29
N ASN C 221 -24.86 7.21 -17.41
CA ASN C 221 -25.78 7.01 -18.51
C ASN C 221 -25.41 5.76 -19.31
N GLY C 222 -25.22 4.66 -18.59
CA GLY C 222 -25.00 3.35 -19.22
C GLY C 222 -26.30 2.57 -19.42
N THR C 223 -26.19 1.25 -19.37
CA THR C 223 -27.33 0.36 -19.39
C THR C 223 -27.80 0.15 -17.95
N ALA C 224 -29.11 0.09 -17.75
CA ALA C 224 -29.67 -0.23 -16.44
C ALA C 224 -29.91 -1.73 -16.35
N GLY C 225 -29.17 -2.43 -15.47
CA GLY C 225 -28.25 -1.82 -14.52
C GLY C 225 -28.80 -1.98 -13.12
N LEU C 226 -28.05 -2.68 -12.26
CA LEU C 226 -28.41 -2.83 -10.85
C LEU C 226 -28.13 -1.52 -10.09
N HIS C 227 -29.16 -0.97 -9.44
CA HIS C 227 -29.06 0.34 -8.79
C HIS C 227 -28.67 0.32 -7.31
N SER C 228 -27.72 1.19 -6.94
CA SER C 228 -27.26 1.33 -5.55
C SER C 228 -27.28 2.78 -5.10
N TYR C 229 -27.75 3.01 -3.87
CA TYR C 229 -27.77 4.34 -3.26
C TYR C 229 -26.50 4.49 -2.45
N ILE C 230 -25.58 5.29 -2.97
CA ILE C 230 -24.25 5.46 -2.40
C ILE C 230 -24.07 6.92 -1.96
N CYS C 231 -23.39 7.13 -0.83
CA CYS C 231 -23.05 8.48 -0.36
C CYS C 231 -21.56 8.70 -0.23
N ASP C 232 -21.10 9.84 -0.78
CA ASP C 232 -19.77 10.40 -0.52
C ASP C 232 -19.89 11.40 0.63
N TYR C 233 -18.87 11.53 1.45
CA TYR C 233 -18.95 12.49 2.54
C TYR C 233 -17.91 13.59 2.39
N LEU C 234 -18.38 14.83 2.32
CA LEU C 234 -17.55 15.94 1.84
C LEU C 234 -17.21 16.94 2.93
N GLU C 235 -15.96 17.39 2.93
CA GLU C 235 -15.57 18.54 3.75
C GLU C 235 -15.64 19.77 2.87
N MET C 236 -16.54 20.68 3.24
CA MET C 236 -16.83 21.87 2.44
C MET C 236 -16.66 23.14 3.24
N LYS C 237 -16.11 24.18 2.62
CA LYS C 237 -15.94 25.46 3.30
C LYS C 237 -17.28 26.21 3.40
N PRO C 238 -17.43 27.05 4.44
CA PRO C 238 -18.62 27.87 4.49
C PRO C 238 -18.70 28.80 3.28
N GLY C 239 -19.90 28.97 2.74
CA GLY C 239 -20.09 29.81 1.59
C GLY C 239 -21.37 29.50 0.87
N VAL C 240 -21.50 30.14 -0.30
CA VAL C 240 -22.66 30.02 -1.17
C VAL C 240 -22.36 29.02 -2.27
N TYR C 241 -23.23 28.03 -2.42
CA TYR C 241 -23.03 26.98 -3.42
C TYR C 241 -24.23 26.84 -4.32
N ASN C 242 -24.00 26.30 -5.51
CA ASN C 242 -25.06 25.90 -6.41
C ASN C 242 -25.21 24.37 -6.43
N ALA C 243 -26.47 23.91 -6.51
CA ALA C 243 -26.80 22.54 -6.80
C ALA C 243 -27.38 22.55 -8.21
N THR C 244 -26.77 21.80 -9.11
CA THR C 244 -27.10 21.88 -10.52
C THR C 244 -27.41 20.51 -11.08
N THR C 245 -28.46 20.45 -11.89
CA THR C 245 -28.90 19.22 -12.51
C THR C 245 -28.36 19.06 -13.94
N PHE C 246 -28.26 17.82 -14.39
CA PHE C 246 -27.94 17.50 -15.78
C PHE C 246 -29.21 17.37 -16.63
N GLY C 247 -30.36 17.58 -16.01
CA GLY C 247 -31.64 17.50 -16.70
C GLY C 247 -32.77 17.07 -15.79
N LYS C 248 -32.68 15.86 -15.27
CA LYS C 248 -33.80 15.26 -14.56
C LYS C 248 -33.66 15.25 -13.04
N PHE C 249 -32.48 14.91 -12.53
CA PHE C 249 -32.26 14.74 -11.08
C PHE C 249 -31.38 15.82 -10.44
N LEU C 250 -31.59 16.07 -9.15
CA LEU C 250 -30.85 17.07 -8.38
C LEU C 250 -30.93 16.78 -6.89
N ILE C 251 -29.83 17.05 -6.18
CA ILE C 251 -29.81 16.99 -4.72
C ILE C 251 -29.26 18.28 -4.11
N TYR C 252 -29.87 18.67 -3.00
CA TYR C 252 -29.39 19.78 -2.20
C TYR C 252 -29.34 19.34 -0.75
N PRO C 253 -28.28 19.74 -0.02
CA PRO C 253 -28.16 19.32 1.36
C PRO C 253 -29.08 20.10 2.27
N THR C 254 -29.56 19.44 3.32
CA THR C 254 -30.46 20.07 4.26
C THR C 254 -29.82 20.19 5.64
N LYS C 255 -28.81 19.36 5.90
CA LYS C 255 -28.05 19.42 7.15
C LYS C 255 -26.56 19.33 6.87
N SER C 256 -25.76 19.69 7.87
CA SER C 256 -24.32 19.48 7.84
C SER C 256 -23.82 19.38 9.26
N TYR C 257 -22.66 18.75 9.44
CA TYR C 257 -21.96 18.90 10.70
C TYR C 257 -21.04 20.11 10.59
N CYS C 258 -21.36 21.13 11.38
CA CYS C 258 -20.55 22.34 11.45
C CYS C 258 -19.38 22.11 12.41
N MET C 259 -18.16 22.34 11.93
CA MET C 259 -16.95 22.15 12.74
C MET C 259 -16.02 23.37 12.72
N ASP C 260 -15.37 23.65 13.84
CA ASP C 260 -14.30 24.66 13.86
C ASP C 260 -12.94 24.02 13.68
N THR C 261 -11.87 24.74 14.01
CA THR C 261 -10.52 24.24 13.74
C THR C 261 -9.56 24.35 14.93
N MET C 262 -8.92 23.25 15.30
CA MET C 262 -7.80 23.28 16.23
C MET C 262 -6.48 23.31 15.45
N ASN C 263 -5.56 24.16 15.89
CA ASN C 263 -4.20 24.15 15.34
C ASN C 263 -3.55 22.77 15.53
N TYR C 264 -3.63 22.27 16.77
CA TYR C 264 -3.03 20.99 17.11
C TYR C 264 -4.04 19.89 16.88
N THR C 265 -3.78 19.06 15.87
CA THR C 265 -4.53 17.84 15.62
C THR C 265 -4.40 16.89 16.81
N VAL C 266 -5.55 16.42 17.29
CA VAL C 266 -5.59 15.47 18.40
C VAL C 266 -6.49 14.30 18.00
N PRO C 267 -5.89 13.11 17.78
CA PRO C 267 -6.64 11.97 17.27
C PRO C 267 -7.82 11.63 18.18
N VAL C 268 -8.96 11.28 17.59
CA VAL C 268 -10.15 10.97 18.38
C VAL C 268 -10.17 9.50 18.80
N GLN C 269 -11.05 9.17 19.75
CA GLN C 269 -11.18 7.81 20.25
C GLN C 269 -12.57 7.28 19.93
N ALA C 270 -12.64 6.03 19.47
CA ALA C 270 -13.92 5.38 19.19
C ALA C 270 -13.98 3.99 19.81
N VAL C 271 -15.06 3.72 20.56
CA VAL C 271 -15.24 2.42 21.20
C VAL C 271 -16.24 1.61 20.38
N GLN C 272 -15.94 0.32 20.16
CA GLN C 272 -16.75 -0.56 19.32
C GLN C 272 -18.22 -0.51 19.73
N SER C 273 -19.09 -0.24 18.75
CA SER C 273 -20.52 -0.04 19.05
C SER C 273 -21.37 -1.11 18.37
N ILE C 274 -21.53 -2.26 19.04
CA ILE C 274 -22.20 -3.43 18.44
C ILE C 274 -23.39 -3.94 19.26
N TRP C 275 -24.26 -4.74 18.64
CA TRP C 275 -25.34 -5.42 19.36
C TRP C 275 -24.84 -6.71 20.01
N SER C 276 -25.70 -7.35 20.80
CA SER C 276 -25.42 -8.70 21.24
C SER C 276 -25.54 -9.62 20.02
N GLU C 277 -25.02 -10.83 20.14
CA GLU C 277 -25.01 -11.77 19.02
C GLU C 277 -26.41 -12.20 18.53
N ASN C 278 -27.46 -11.79 19.23
CA ASN C 278 -28.85 -12.01 18.77
C ASN C 278 -29.24 -11.16 17.52
N ARG C 279 -28.45 -10.12 17.23
CA ARG C 279 -28.73 -9.21 16.10
C ARG C 279 -27.47 -9.03 15.25
N GLN C 280 -27.66 -8.69 13.97
CA GLN C 280 -26.53 -8.50 13.05
C GLN C 280 -25.87 -7.14 13.30
N SER C 281 -24.60 -7.19 13.72
CA SER C 281 -23.78 -5.98 13.89
C SER C 281 -22.86 -5.79 12.68
N ASP C 282 -22.11 -4.68 12.64
CA ASP C 282 -21.09 -4.49 11.61
C ASP C 282 -19.78 -3.94 12.19
N ASP C 283 -18.71 -3.93 11.39
CA ASP C 283 -17.42 -3.42 11.87
C ASP C 283 -17.09 -2.03 11.31
N ALA C 284 -18.12 -1.24 10.99
CA ALA C 284 -17.90 0.06 10.36
C ALA C 284 -17.09 1.02 11.23
N ILE C 285 -17.19 0.90 12.55
CA ILE C 285 -16.40 1.73 13.44
C ILE C 285 -14.94 1.30 13.33
N GLY C 286 -14.70 0.00 13.34
CA GLY C 286 -13.35 -0.53 13.18
C GLY C 286 -12.71 -0.16 11.85
N GLN C 287 -13.53 -0.13 10.79
CA GLN C 287 -13.03 0.20 9.45
C GLN C 287 -12.79 1.69 9.30
N ALA C 288 -13.57 2.49 10.03
CA ALA C 288 -13.51 3.94 9.95
C ALA C 288 -12.41 4.52 10.86
N CYS C 289 -12.29 3.96 12.06
CA CYS C 289 -11.35 4.46 13.06
C CYS C 289 -9.94 3.92 12.83
N LYS C 290 -9.13 4.72 12.17
CA LYS C 290 -7.83 4.26 11.73
C LYS C 290 -6.70 5.15 12.21
N SER C 291 -5.53 4.55 12.41
CA SER C 291 -4.29 5.31 12.55
C SER C 291 -4.17 6.13 11.26
N PRO C 292 -3.74 7.39 11.37
CA PRO C 292 -3.27 8.08 12.56
C PRO C 292 -4.28 9.00 13.26
N TYR C 293 -5.50 9.08 12.73
CA TYR C 293 -6.46 10.10 13.19
C TYR C 293 -7.45 9.65 14.26
N CYS C 294 -7.51 8.34 14.50
CA CYS C 294 -8.50 7.78 15.42
C CYS C 294 -7.97 6.56 16.15
N ILE C 295 -8.19 6.52 17.46
CA ILE C 295 -7.80 5.37 18.26
C ILE C 295 -9.00 4.45 18.46
N PHE C 296 -8.89 3.21 17.99
CA PHE C 296 -9.99 2.28 18.05
C PHE C 296 -9.83 1.28 19.19
N TYR C 297 -10.75 1.34 20.16
CA TYR C 297 -10.88 0.32 21.19
C TYR C 297 -12.00 -0.65 20.84
N ASN C 298 -11.60 -1.80 20.28
CA ASN C 298 -12.50 -2.88 19.91
C ASN C 298 -12.98 -3.61 21.14
N LYS C 299 -14.12 -4.28 21.01
CA LYS C 299 -14.53 -5.28 21.99
C LYS C 299 -13.89 -6.61 21.60
N THR C 300 -13.44 -7.36 22.60
CA THR C 300 -12.90 -8.69 22.39
C THR C 300 -13.88 -9.75 22.89
N LYS C 301 -14.75 -9.33 23.80
CA LYS C 301 -15.87 -10.14 24.27
C LYS C 301 -17.13 -9.77 23.48
N PRO C 302 -18.13 -10.67 23.44
CA PRO C 302 -19.43 -10.24 22.92
C PRO C 302 -20.04 -9.15 23.80
N TYR C 303 -21.13 -8.55 23.33
CA TYR C 303 -21.95 -7.69 24.16
C TYR C 303 -22.77 -8.57 25.14
N LEU C 304 -22.45 -8.44 26.42
CA LEU C 304 -23.10 -9.21 27.46
C LEU C 304 -23.41 -8.27 28.60
N ALA C 305 -24.64 -8.33 29.07
CA ALA C 305 -25.10 -7.46 30.14
C ALA C 305 -25.87 -8.26 31.18
N PRO C 306 -25.15 -9.08 31.98
CA PRO C 306 -25.85 -9.84 33.02
C PRO C 306 -26.44 -8.91 34.09
N ASN C 307 -25.76 -7.78 34.31
CA ASN C 307 -26.22 -6.73 35.23
C ASN C 307 -26.86 -5.56 34.46
N GLY C 308 -27.28 -5.84 33.22
CA GLY C 308 -27.84 -4.81 32.34
C GLY C 308 -29.33 -4.55 32.51
N ALA C 309 -29.85 -3.58 31.75
CA ALA C 309 -31.26 -3.26 31.75
C ALA C 309 -32.00 -4.23 30.86
N ASP C 310 -31.35 -4.59 29.75
CA ASP C 310 -31.76 -5.67 28.87
C ASP C 310 -30.49 -6.21 28.23
N GLU C 311 -30.60 -7.21 27.36
CA GLU C 311 -29.41 -7.86 26.78
C GLU C 311 -28.58 -6.95 25.84
N ASN C 312 -29.08 -5.75 25.57
CA ASN C 312 -28.46 -4.81 24.63
C ASN C 312 -27.99 -3.49 25.24
N HIS C 313 -28.01 -3.40 26.57
CA HIS C 313 -27.56 -2.21 27.28
C HIS C 313 -26.96 -2.58 28.63
N GLY C 314 -25.69 -2.23 28.82
CA GLY C 314 -24.99 -2.49 30.07
C GLY C 314 -23.88 -3.51 29.91
N ASP C 315 -23.19 -3.45 28.78
CA ASP C 315 -22.08 -4.36 28.48
C ASP C 315 -20.98 -4.29 29.54
N GLU C 316 -20.61 -5.44 30.10
CA GLU C 316 -19.54 -5.47 31.09
C GLU C 316 -18.23 -4.91 30.54
N GLU C 317 -17.89 -5.28 29.31
CA GLU C 317 -16.60 -4.92 28.75
C GLU C 317 -16.41 -3.42 28.53
N VAL C 318 -17.40 -2.78 27.92
CA VAL C 318 -17.37 -1.35 27.68
C VAL C 318 -17.42 -0.58 29.00
N ARG C 319 -18.32 -0.96 29.91
CA ARG C 319 -18.34 -0.40 31.27
C ARG C 319 -16.95 -0.39 31.91
N GLN C 320 -16.23 -1.51 31.76
CA GLN C 320 -14.87 -1.61 32.26
C GLN C 320 -13.95 -0.63 31.54
N MET C 321 -14.01 -0.60 30.21
CA MET C 321 -13.21 0.34 29.42
C MET C 321 -13.48 1.79 29.83
N MET C 322 -14.76 2.10 30.01
CA MET C 322 -15.21 3.47 30.25
C MET C 322 -14.84 4.01 31.64
N GLN C 323 -14.26 3.16 32.48
CA GLN C 323 -13.74 3.58 33.79
C GLN C 323 -12.51 4.49 33.63
N GLY C 324 -11.86 4.41 32.48
CA GLY C 324 -10.66 5.17 32.20
C GLY C 324 -10.92 6.67 32.15
N LEU C 325 -12.17 7.03 31.86
CA LEU C 325 -12.56 8.43 31.76
C LEU C 325 -12.87 9.07 33.12
N LEU C 326 -12.73 8.30 34.20
CA LEU C 326 -12.91 8.80 35.56
C LEU C 326 -11.60 9.38 36.11
N VAL C 327 -10.56 9.38 35.28
CA VAL C 327 -9.22 9.73 35.73
C VAL C 327 -8.62 10.77 34.81
N ASN C 328 -8.04 11.81 35.40
CA ASN C 328 -7.14 12.71 34.67
C ASN C 328 -5.88 11.94 34.34
N SER C 329 -5.76 11.50 33.10
CA SER C 329 -4.61 10.72 32.63
C SER C 329 -3.52 11.66 32.14
N SER C 330 -2.38 11.08 31.77
CA SER C 330 -1.30 11.84 31.12
C SER C 330 -1.01 11.24 29.74
N CYS C 331 -1.38 9.97 29.55
CA CYS C 331 -1.21 9.27 28.29
C CYS C 331 -2.49 8.60 27.79
N VAL C 332 -2.73 8.71 26.49
CA VAL C 332 -3.88 8.13 25.81
C VAL C 332 -3.33 7.38 24.61
N SER C 333 -3.63 6.08 24.54
CA SER C 333 -3.03 5.23 23.51
C SER C 333 -3.98 4.17 22.94
N PRO C 334 -3.54 3.44 21.90
CA PRO C 334 -4.29 2.31 21.39
C PRO C 334 -4.34 1.20 22.41
N GLN C 335 -3.48 1.30 23.40
CA GLN C 335 -3.38 0.32 24.46
C GLN C 335 -4.30 0.69 25.61
N GLY C 336 -4.78 1.93 25.58
CA GLY C 336 -5.56 2.50 26.68
C GLY C 336 -4.84 3.66 27.35
N SER C 337 -5.49 4.25 28.35
CA SER C 337 -4.97 5.39 29.09
C SER C 337 -3.97 5.00 30.16
N THR C 338 -3.03 5.91 30.47
CA THR C 338 -2.13 5.75 31.61
C THR C 338 -1.87 7.08 32.33
N PRO C 339 -1.75 7.04 33.68
CA PRO C 339 -1.28 8.23 34.36
C PRO C 339 0.23 8.39 34.16
N LEU C 340 0.79 9.47 34.70
CA LEU C 340 2.21 9.77 34.55
C LEU C 340 3.09 8.72 35.20
N ALA C 341 3.97 8.14 34.39
CA ALA C 341 4.92 7.13 34.83
C ALA C 341 6.08 7.00 33.86
N LEU C 342 7.09 6.26 34.28
CA LEU C 342 8.31 6.10 33.51
C LEU C 342 8.19 4.93 32.54
N TYR C 343 7.66 3.81 33.05
CA TYR C 343 7.66 2.55 32.30
C TYR C 343 6.27 1.95 32.10
N SER C 344 6.20 1.04 31.14
CA SER C 344 4.96 0.41 30.71
C SER C 344 5.15 -1.10 30.58
N SER C 345 4.22 -1.87 31.14
CA SER C 345 4.28 -3.33 31.06
C SER C 345 4.24 -3.84 29.61
N GLU C 346 3.47 -3.15 28.78
CA GLU C 346 3.40 -3.43 27.34
C GLU C 346 4.00 -2.29 26.50
N MET C 347 4.23 -2.55 25.22
CA MET C 347 4.63 -1.51 24.27
C MET C 347 3.45 -0.57 23.97
N ILE C 348 3.73 0.74 23.93
CA ILE C 348 2.72 1.73 23.60
C ILE C 348 2.94 2.23 22.18
N TYR C 349 1.97 1.97 21.31
CA TYR C 349 2.06 2.35 19.90
C TYR C 349 1.27 3.61 19.55
N ILE C 350 1.40 4.08 18.30
CA ILE C 350 0.63 5.24 17.84
C ILE C 350 -0.61 4.74 17.09
N PRO C 351 -1.65 5.59 16.97
CA PRO C 351 -1.71 6.99 17.36
C PRO C 351 -1.88 7.16 18.86
N ASN C 352 -1.05 8.02 19.44
CA ASN C 352 -1.22 8.43 20.85
C ASN C 352 -0.97 9.93 21.06
N TYR C 353 -1.31 10.44 22.23
CA TYR C 353 -0.88 11.78 22.62
C TYR C 353 -0.65 11.87 24.12
N GLY C 354 -0.19 13.03 24.58
CA GLY C 354 0.14 13.22 25.99
C GLY C 354 1.59 12.84 26.23
N SER C 355 1.88 12.40 27.45
CA SER C 355 3.19 11.90 27.81
C SER C 355 3.07 10.44 28.20
N CYS C 356 3.57 9.56 27.33
CA CYS C 356 3.38 8.12 27.50
C CYS C 356 4.67 7.44 27.95
N PRO C 357 4.57 6.54 28.94
CA PRO C 357 5.72 5.79 29.43
C PRO C 357 6.31 4.86 28.36
N GLN C 358 7.55 4.44 28.57
CA GLN C 358 8.26 3.58 27.63
C GLN C 358 8.40 2.15 28.14
N TYR C 359 8.45 1.21 27.20
CA TYR C 359 8.57 -0.23 27.46
C TYR C 359 9.78 -0.58 28.34
N TYR C 360 9.50 -1.13 29.52
CA TYR C 360 10.53 -1.45 30.52
C TYR C 360 11.72 -2.23 29.95
N LYS C 361 11.42 -3.20 29.09
CA LYS C 361 12.44 -4.10 28.50
C LYS C 361 13.54 -3.37 27.72
N LEU C 362 13.24 -2.15 27.28
CA LEU C 362 14.22 -1.33 26.59
C LEU C 362 15.32 -0.81 27.53
N PHE C 363 15.02 -0.84 28.83
CA PHE C 363 15.87 -0.25 29.85
C PHE C 363 16.40 -1.28 30.85
#